data_6MON
#
_entry.id   6MON
#
_cell.length_a   153.728
_cell.length_b   153.728
_cell.length_c   53.457
_cell.angle_alpha   90.000
_cell.angle_beta   90.000
_cell.angle_gamma   90.000
#
_symmetry.space_group_name_H-M   'P 42'
#
loop_
_entity.id
_entity.type
_entity.pdbx_description
1 polymer 'N-lysine methyltransferase SMYD2'
2 polymer LYS-LEU-NLE-SER-LYS-ARG-GLY
3 non-polymer 'ZINC ION'
4 non-polymer S-ADENOSYL-L-HOMOCYSTEINE
5 non-polymer GLYCEROL
6 water water
#
loop_
_entity_poly.entity_id
_entity_poly.type
_entity_poly.pdbx_seq_one_letter_code
_entity_poly.pdbx_strand_id
1 'polypeptide(L)'
;GLGGLERFCSPGKGRGLRALQPFQVGDLLFSCPAYAYVLTVNERGNHCEYCFTRKEGLSKCGRCKQAFYCNVECQKEDWP
MHKLECSPMVVFGENWNPSETVRLTARILAKQKIHPERTPSEKLLAVKEFESHLDKLDNEKKDLIQSDIAALHHFYSKHL
EFPDNDSLVVLFAQVNCNGFTIEDEELSHLGSAIFPDVALMNHSCCPNVIVTYKGTLAEVRAVQEIKPGEEVFTSYIDLL
YPTEDRNDRLRDSYFFTCECQECTTKDKDKAKVEIRKLSDPPKAEAIRDMVRYARNVIEEFRRAKHYKSPSELLEICELS
QEKMSSVFEDSNVYMLHMMYQAMGVCLYMQDWEGALQYGQKIIKPYSKHYPLYSLNVASMWLKLGRLYMGLEHKAAGEKA
LKKAIAIMEVAHGKDHPYISEIKQEIESH
;
A,B
2 'polypeptide(L)' KL(NLE)SKRG C,D
#
# COMPACT_ATOMS: atom_id res chain seq x y z
N GLY A 1 -27.26 -11.67 39.51
CA GLY A 1 -27.25 -11.20 38.13
C GLY A 1 -26.06 -10.31 37.79
N LEU A 2 -26.29 -9.34 36.91
CA LEU A 2 -25.23 -8.41 36.49
C LEU A 2 -25.66 -6.96 36.77
N GLY A 3 -24.84 -6.24 37.53
CA GLY A 3 -25.12 -4.85 37.84
C GLY A 3 -25.45 -3.93 36.67
N GLY A 4 -26.49 -3.11 36.85
CA GLY A 4 -26.95 -2.20 35.82
C GLY A 4 -27.65 -2.82 34.63
N LEU A 5 -27.92 -4.12 34.70
CA LEU A 5 -28.56 -4.84 33.61
C LEU A 5 -29.56 -5.86 34.14
N GLU A 6 -30.40 -6.39 33.24
CA GLU A 6 -31.33 -7.44 33.64
C GLU A 6 -31.82 -8.25 32.44
N ARG A 7 -32.18 -9.49 32.72
CA ARG A 7 -32.82 -10.32 31.71
C ARG A 7 -34.28 -9.92 31.63
N PHE A 8 -34.84 -9.94 30.43
CA PHE A 8 -36.26 -9.62 30.29
C PHE A 8 -36.84 -10.31 29.06
N CYS A 9 -38.16 -10.24 28.92
CA CYS A 9 -38.79 -10.79 27.72
C CYS A 9 -39.00 -9.74 26.66
N SER A 10 -38.22 -9.85 25.58
CA SER A 10 -38.26 -8.93 24.46
C SER A 10 -39.29 -9.41 23.45
N PRO A 11 -40.40 -8.66 23.31
CA PRO A 11 -41.50 -9.04 22.42
C PRO A 11 -41.03 -9.34 20.99
N GLY A 12 -41.35 -10.56 20.55
CA GLY A 12 -40.96 -11.05 19.24
C GLY A 12 -39.51 -11.46 19.12
N LYS A 13 -38.77 -11.39 20.23
CA LYS A 13 -37.35 -11.72 20.23
C LYS A 13 -36.98 -12.62 21.41
N GLY A 14 -37.97 -13.31 21.98
CA GLY A 14 -37.74 -14.21 23.10
C GLY A 14 -37.13 -13.50 24.31
N ARG A 15 -36.05 -14.04 24.85
CA ARG A 15 -35.37 -13.42 25.98
C ARG A 15 -34.28 -12.47 25.51
N GLY A 16 -34.09 -11.38 26.25
CA GLY A 16 -33.06 -10.42 25.93
C GLY A 16 -32.42 -9.76 27.14
N LEU A 17 -31.50 -8.84 26.86
CA LEU A 17 -30.79 -8.09 27.90
C LEU A 17 -31.22 -6.62 27.87
N ARG A 18 -31.56 -6.08 29.04
CA ARG A 18 -32.03 -4.70 29.17
C ARG A 18 -31.16 -3.88 30.13
N ALA A 19 -30.91 -2.63 29.76
CA ALA A 19 -30.14 -1.70 30.59
C ALA A 19 -30.98 -1.10 31.72
N LEU A 20 -30.38 -0.94 32.91
CA LEU A 20 -31.07 -0.35 34.04
C LEU A 20 -30.38 0.95 34.47
N GLN A 21 -29.31 1.30 33.76
CA GLN A 21 -28.54 2.51 34.03
C GLN A 21 -28.03 3.04 32.69
N PRO A 22 -27.65 4.33 32.64
CA PRO A 22 -27.09 4.78 31.35
C PRO A 22 -25.69 4.23 31.07
N PHE A 23 -25.40 4.00 29.78
CA PHE A 23 -24.07 3.62 29.35
C PHE A 23 -23.62 4.56 28.24
N GLN A 24 -22.41 5.09 28.39
CA GLN A 24 -21.86 5.99 27.39
C GLN A 24 -20.95 5.22 26.43
N VAL A 25 -20.72 5.79 25.27
CA VAL A 25 -19.84 5.19 24.28
C VAL A 25 -18.50 4.85 24.93
N GLY A 26 -18.05 3.62 24.75
CA GLY A 26 -16.77 3.17 25.31
C GLY A 26 -16.87 2.56 26.70
N ASP A 27 -18.01 2.71 27.37
CA ASP A 27 -18.20 2.13 28.70
C ASP A 27 -18.32 0.62 28.61
N LEU A 28 -17.72 -0.06 29.57
CA LEU A 28 -17.84 -1.51 29.71
C LEU A 28 -19.15 -1.90 30.39
N LEU A 29 -20.02 -2.62 29.68
CA LEU A 29 -21.27 -3.05 30.29
C LEU A 29 -21.01 -4.23 31.22
N PHE A 30 -20.26 -5.21 30.74
CA PHE A 30 -19.94 -6.40 31.52
C PHE A 30 -18.90 -7.28 30.85
N SER A 31 -18.35 -8.19 31.66
CA SER A 31 -17.38 -9.17 31.22
C SER A 31 -17.96 -10.56 31.43
N CYS A 32 -17.53 -11.51 30.62
CA CYS A 32 -17.99 -12.87 30.76
C CYS A 32 -16.86 -13.86 30.50
N PRO A 33 -16.45 -14.58 31.54
CA PRO A 33 -15.41 -15.60 31.33
C PRO A 33 -15.96 -16.74 30.48
N ALA A 34 -15.15 -17.28 29.58
CA ALA A 34 -15.60 -18.36 28.73
C ALA A 34 -16.06 -19.58 29.52
N TYR A 35 -17.23 -20.10 29.19
CA TYR A 35 -17.74 -21.29 29.85
C TYR A 35 -16.98 -22.48 29.32
N ALA A 36 -16.82 -22.52 27.99
CA ALA A 36 -16.05 -23.54 27.31
C ALA A 36 -15.40 -22.88 26.09
N TYR A 37 -14.22 -23.35 25.71
CA TYR A 37 -13.50 -22.74 24.60
C TYR A 37 -12.45 -23.66 24.00
N VAL A 38 -12.13 -23.42 22.73
CA VAL A 38 -11.14 -24.21 22.03
C VAL A 38 -10.34 -23.34 21.07
N LEU A 39 -9.01 -23.48 21.11
CA LEU A 39 -8.16 -22.76 20.16
C LEU A 39 -8.20 -23.48 18.81
N THR A 40 -8.42 -22.73 17.73
CA THR A 40 -8.43 -23.29 16.38
C THR A 40 -7.08 -23.93 16.05
N VAL A 41 -7.13 -25.05 15.31
CA VAL A 41 -5.92 -25.80 14.93
C VAL A 41 -4.80 -24.95 14.31
N ASN A 42 -5.12 -24.12 13.34
CA ASN A 42 -4.11 -23.32 12.65
C ASN A 42 -3.39 -22.26 13.50
N GLU A 43 -3.88 -22.01 14.71
CA GLU A 43 -3.24 -21.03 15.59
C GLU A 43 -2.41 -21.67 16.71
N ARG A 44 -2.37 -23.00 16.75
CA ARG A 44 -1.57 -23.72 17.74
C ARG A 44 -0.09 -23.41 17.54
N GLY A 45 0.60 -23.08 18.63
CA GLY A 45 1.99 -22.68 18.55
C GLY A 45 2.15 -21.17 18.55
N ASN A 46 1.07 -20.47 18.23
CA ASN A 46 1.05 -19.01 18.18
C ASN A 46 0.42 -18.46 19.44
N HIS A 47 -0.55 -19.20 19.97
CA HIS A 47 -1.30 -18.81 21.16
C HIS A 47 -1.31 -19.91 22.23
N CYS A 48 -1.36 -19.51 23.49
CA CYS A 48 -1.47 -20.47 24.57
C CYS A 48 -2.84 -21.14 24.56
N GLU A 49 -2.85 -22.46 24.66
CA GLU A 49 -4.08 -23.26 24.67
C GLU A 49 -5.04 -22.80 25.75
N TYR A 50 -4.50 -22.56 26.95
CA TYR A 50 -5.32 -22.22 28.12
C TYR A 50 -5.85 -20.79 28.16
N CYS A 51 -4.97 -19.81 27.97
CA CYS A 51 -5.36 -18.40 28.11
C CYS A 51 -5.39 -17.60 26.81
N PHE A 52 -4.99 -18.23 25.70
CA PHE A 52 -4.98 -17.58 24.39
C PHE A 52 -3.97 -16.44 24.24
N THR A 53 -3.02 -16.35 25.17
CA THR A 53 -1.97 -15.32 25.10
C THR A 53 -1.11 -15.55 23.86
N ARG A 54 -0.92 -14.51 23.05
CA ARG A 54 -0.06 -14.61 21.87
C ARG A 54 1.38 -14.28 22.27
N LYS A 55 2.25 -15.28 22.12
CA LYS A 55 3.62 -15.18 22.58
C LYS A 55 4.61 -16.06 21.79
N GLU A 56 5.88 -15.67 21.82
CA GLU A 56 6.94 -16.49 21.26
C GLU A 56 7.49 -17.38 22.37
N GLY A 57 8.13 -18.49 22.03
CA GLY A 57 8.68 -19.35 23.06
C GLY A 57 7.66 -20.08 23.92
N LEU A 58 6.54 -20.47 23.32
CA LEU A 58 5.54 -21.26 24.03
C LEU A 58 6.03 -22.69 24.20
N SER A 59 5.80 -23.24 25.38
CA SER A 59 6.21 -24.60 25.72
C SER A 59 5.29 -25.64 25.11
N LYS A 60 5.90 -26.60 24.42
CA LYS A 60 5.19 -27.68 23.75
C LYS A 60 4.82 -28.82 24.73
N CYS A 61 3.60 -29.33 24.62
CA CYS A 61 3.17 -30.48 25.43
C CYS A 61 4.00 -31.68 25.02
N GLY A 62 4.64 -32.31 26.01
CA GLY A 62 5.52 -33.42 25.71
C GLY A 62 4.92 -34.66 25.11
N ARG A 63 3.64 -34.92 25.37
CA ARG A 63 3.03 -36.15 24.85
C ARG A 63 2.53 -36.05 23.41
N CYS A 64 1.61 -35.12 23.16
CA CYS A 64 1.01 -34.98 21.83
C CYS A 64 1.81 -34.07 20.88
N LYS A 65 2.57 -33.15 21.45
CA LYS A 65 3.35 -32.16 20.68
C LYS A 65 2.49 -31.22 19.82
N GLN A 66 1.20 -31.16 20.11
CA GLN A 66 0.28 -30.37 19.31
C GLN A 66 -0.57 -29.44 20.21
N ALA A 67 0.00 -29.07 21.35
CA ALA A 67 -0.58 -28.07 22.25
C ALA A 67 0.55 -27.25 22.86
N PHE A 68 0.35 -25.93 22.91
CA PHE A 68 1.40 -25.03 23.41
C PHE A 68 0.87 -24.12 24.51
N TYR A 69 1.71 -23.89 25.51
CA TYR A 69 1.34 -23.14 26.70
C TYR A 69 2.35 -22.08 27.10
N CYS A 70 1.87 -21.11 27.88
CA CYS A 70 2.74 -20.05 28.43
C CYS A 70 3.79 -20.68 29.31
N ASN A 71 3.35 -21.63 30.14
CA ASN A 71 4.19 -22.28 31.14
C ASN A 71 3.53 -23.54 31.65
N VAL A 72 4.12 -24.13 32.67
CA VAL A 72 3.62 -25.36 33.28
C VAL A 72 2.26 -25.15 33.96
N GLU A 73 2.01 -23.92 34.39
CA GLU A 73 0.75 -23.58 35.03
C GLU A 73 -0.40 -23.60 34.04
N CYS A 74 -0.23 -22.95 32.89
CA CYS A 74 -1.26 -22.98 31.85
C CYS A 74 -1.55 -24.41 31.40
N GLN A 75 -0.48 -25.19 31.21
CA GLN A 75 -0.59 -26.60 30.84
C GLN A 75 -1.44 -27.38 31.83
N LYS A 76 -1.09 -27.23 33.10
CA LYS A 76 -1.80 -27.93 34.18
C LYS A 76 -3.26 -27.51 34.24
N GLU A 77 -3.54 -26.20 34.19
CA GLU A 77 -4.91 -25.73 34.25
C GLU A 77 -5.74 -26.16 33.03
N ASP A 78 -5.08 -26.34 31.89
CA ASP A 78 -5.75 -26.77 30.66
C ASP A 78 -5.97 -28.27 30.55
N TRP A 79 -5.21 -29.04 31.32
CA TRP A 79 -5.28 -30.50 31.24
C TRP A 79 -6.69 -31.15 31.30
N PRO A 80 -7.57 -30.72 32.23
CA PRO A 80 -8.92 -31.31 32.23
C PRO A 80 -9.62 -31.26 30.88
N MET A 81 -9.32 -30.28 30.05
CA MET A 81 -9.91 -30.19 28.72
C MET A 81 -9.02 -30.82 27.65
N HIS A 82 -7.72 -30.52 27.70
CA HIS A 82 -6.77 -31.07 26.74
C HIS A 82 -6.68 -32.59 26.71
N LYS A 83 -6.92 -33.24 27.85
CA LYS A 83 -6.84 -34.71 27.92
C LYS A 83 -7.87 -35.37 27.00
N LEU A 84 -8.92 -34.65 26.66
CA LEU A 84 -9.91 -35.17 25.72
C LEU A 84 -9.30 -35.36 24.33
N GLU A 85 -8.20 -34.66 24.05
CA GLU A 85 -7.58 -34.69 22.73
C GLU A 85 -6.12 -35.16 22.68
N CYS A 86 -5.41 -35.09 23.80
CA CYS A 86 -3.99 -35.39 23.85
C CYS A 86 -3.66 -36.77 23.26
N SER A 87 -4.03 -37.83 23.98
CA SER A 87 -3.78 -39.18 23.46
C SER A 87 -4.53 -39.47 22.15
N PRO A 88 -5.82 -39.09 22.04
CA PRO A 88 -6.53 -39.29 20.77
C PRO A 88 -5.80 -38.76 19.54
N MET A 89 -5.20 -37.57 19.64
CA MET A 89 -4.43 -37.02 18.53
C MET A 89 -3.27 -37.91 18.10
N VAL A 90 -2.59 -38.53 19.05
CA VAL A 90 -1.48 -39.39 18.69
C VAL A 90 -1.94 -40.74 18.18
N VAL A 91 -3.03 -41.24 18.74
CA VAL A 91 -3.57 -42.53 18.33
C VAL A 91 -4.14 -42.49 16.92
N PHE A 92 -5.05 -41.54 16.68
CA PHE A 92 -5.66 -41.38 15.36
C PHE A 92 -4.64 -40.81 14.37
N GLY A 93 -3.62 -40.12 14.89
CA GLY A 93 -2.60 -39.51 14.06
C GLY A 93 -3.16 -38.58 13.00
N GLU A 94 -2.89 -38.91 11.74
CA GLU A 94 -3.39 -38.15 10.60
C GLU A 94 -4.92 -38.18 10.48
N ASN A 95 -5.52 -39.24 10.99
CA ASN A 95 -6.98 -39.38 10.95
C ASN A 95 -7.73 -38.50 11.95
N TRP A 96 -7.03 -37.82 12.84
CA TRP A 96 -7.70 -36.95 13.78
C TRP A 96 -8.07 -35.64 13.12
N ASN A 97 -9.35 -35.49 12.77
CA ASN A 97 -9.81 -34.26 12.11
C ASN A 97 -11.23 -33.81 12.49
N PRO A 98 -11.60 -33.85 13.80
CA PRO A 98 -12.94 -33.37 14.12
C PRO A 98 -13.10 -31.89 13.82
N SER A 99 -14.31 -31.48 13.43
CA SER A 99 -14.58 -30.07 13.16
C SER A 99 -14.51 -29.30 14.48
N GLU A 100 -14.27 -28.00 14.40
CA GLU A 100 -14.18 -27.15 15.60
C GLU A 100 -15.43 -27.21 16.51
N THR A 101 -16.59 -27.27 15.88
CA THR A 101 -17.86 -27.39 16.59
C THR A 101 -17.90 -28.64 17.47
N VAL A 102 -17.42 -29.76 16.94
CA VAL A 102 -17.37 -31.01 17.70
C VAL A 102 -16.45 -30.86 18.91
N ARG A 103 -15.26 -30.31 18.68
CA ARG A 103 -14.28 -30.09 19.73
C ARG A 103 -14.87 -29.25 20.88
N LEU A 104 -15.55 -28.18 20.52
CA LEU A 104 -16.19 -27.30 21.49
C LEU A 104 -17.29 -28.06 22.23
N THR A 105 -18.10 -28.82 21.51
CA THR A 105 -19.21 -29.52 22.15
C THR A 105 -18.70 -30.56 23.14
N ALA A 106 -17.57 -31.19 22.80
CA ALA A 106 -16.93 -32.17 23.68
C ALA A 106 -16.52 -31.48 24.98
N ARG A 107 -15.98 -30.28 24.82
CA ARG A 107 -15.55 -29.51 25.99
C ARG A 107 -16.75 -29.07 26.84
N ILE A 108 -17.87 -28.80 26.18
CA ILE A 108 -19.11 -28.46 26.89
C ILE A 108 -19.55 -29.65 27.74
N LEU A 109 -19.64 -30.83 27.15
CA LEU A 109 -20.03 -32.03 27.88
C LEU A 109 -19.09 -32.28 29.07
N ALA A 110 -17.79 -32.07 28.85
CA ALA A 110 -16.81 -32.25 29.90
C ALA A 110 -17.03 -31.27 31.05
N LYS A 111 -17.31 -30.01 30.73
CA LYS A 111 -17.58 -29.01 31.74
C LYS A 111 -18.84 -29.37 32.52
N GLN A 112 -19.87 -29.83 31.79
CA GLN A 112 -21.12 -30.23 32.43
C GLN A 112 -20.90 -31.38 33.41
N LYS A 113 -19.94 -32.25 33.09
CA LYS A 113 -19.66 -33.38 33.97
C LYS A 113 -18.90 -32.91 35.21
N ILE A 114 -17.91 -32.05 35.02
CA ILE A 114 -17.11 -31.57 36.14
C ILE A 114 -17.87 -30.57 37.03
N HIS A 115 -18.56 -29.63 36.39
CA HIS A 115 -19.24 -28.52 37.08
C HIS A 115 -20.71 -28.39 36.69
N PRO A 116 -21.56 -29.31 37.16
CA PRO A 116 -22.99 -29.22 36.78
C PRO A 116 -23.72 -27.99 37.33
N GLU A 117 -23.24 -27.42 38.44
CA GLU A 117 -23.89 -26.24 39.01
C GLU A 117 -23.69 -25.02 38.13
N ARG A 118 -24.52 -23.99 38.36
CA ARG A 118 -24.40 -22.71 37.67
C ARG A 118 -23.00 -22.08 37.84
N THR A 119 -22.40 -21.66 36.73
CA THR A 119 -21.07 -21.06 36.73
C THR A 119 -21.14 -19.53 36.72
N PRO A 120 -20.00 -18.85 36.97
CA PRO A 120 -20.00 -17.38 36.87
C PRO A 120 -20.19 -16.87 35.44
N SER A 121 -20.25 -17.78 34.47
CA SER A 121 -20.47 -17.42 33.08
C SER A 121 -21.96 -17.40 32.78
N GLU A 122 -22.73 -17.89 33.75
CA GLU A 122 -24.17 -18.04 33.60
C GLU A 122 -24.96 -17.25 34.63
N LYS A 123 -24.58 -15.99 34.88
CA LYS A 123 -25.28 -15.15 35.85
C LYS A 123 -26.69 -14.76 35.42
N LEU A 124 -26.94 -14.75 34.11
CA LEU A 124 -28.25 -14.36 33.61
C LEU A 124 -28.87 -15.44 32.73
N LEU A 125 -28.01 -16.17 32.02
CA LEU A 125 -28.49 -17.23 31.15
C LEU A 125 -27.62 -18.46 31.27
N ALA A 126 -28.27 -19.61 31.41
CA ALA A 126 -27.56 -20.87 31.55
C ALA A 126 -27.46 -21.57 30.20
N VAL A 127 -26.40 -22.36 30.02
CA VAL A 127 -26.19 -23.16 28.81
C VAL A 127 -27.40 -24.06 28.56
N LYS A 128 -27.90 -24.65 29.64
CA LYS A 128 -29.07 -25.52 29.57
C LYS A 128 -30.30 -24.80 29.02
N GLU A 129 -30.36 -23.48 29.23
CA GLU A 129 -31.50 -22.67 28.78
C GLU A 129 -31.39 -22.16 27.33
N PHE A 130 -30.27 -22.41 26.67
CA PHE A 130 -30.04 -21.92 25.31
C PHE A 130 -31.18 -22.25 24.35
N GLU A 131 -31.50 -21.31 23.48
CA GLU A 131 -32.50 -21.55 22.43
C GLU A 131 -31.85 -22.48 21.40
N SER A 132 -32.59 -23.48 20.93
CA SER A 132 -32.00 -24.44 20.00
C SER A 132 -32.56 -24.37 18.57
N HIS A 133 -33.82 -23.98 18.46
CA HIS A 133 -34.55 -24.00 17.18
C HIS A 133 -34.63 -25.39 16.58
N LEU A 134 -34.64 -26.40 17.44
CA LEU A 134 -34.75 -27.81 17.03
C LEU A 134 -35.94 -28.05 16.09
N ASP A 135 -37.07 -27.44 16.43
CA ASP A 135 -38.30 -27.59 15.67
C ASP A 135 -38.24 -27.01 14.25
N LYS A 136 -37.31 -26.09 14.02
CA LYS A 136 -37.20 -25.41 12.73
C LYS A 136 -36.21 -26.12 11.80
N LEU A 137 -35.49 -27.09 12.37
CA LEU A 137 -34.47 -27.85 11.67
C LEU A 137 -34.96 -28.63 10.44
N ASP A 138 -34.34 -28.41 9.29
CA ASP A 138 -34.69 -29.17 8.09
C ASP A 138 -33.77 -30.40 7.95
N ASN A 139 -33.96 -31.18 6.88
CA ASN A 139 -33.18 -32.38 6.62
C ASN A 139 -31.67 -32.18 6.48
N GLU A 140 -31.26 -31.11 5.78
CA GLU A 140 -29.86 -30.82 5.58
C GLU A 140 -29.14 -30.59 6.90
N LYS A 141 -29.79 -29.81 7.77
CA LYS A 141 -29.23 -29.48 9.07
C LYS A 141 -29.25 -30.66 10.03
N LYS A 142 -30.32 -31.46 10.00
CA LYS A 142 -30.36 -32.65 10.83
C LYS A 142 -29.26 -33.63 10.41
N ASP A 143 -29.00 -33.69 9.10
CA ASP A 143 -27.94 -34.55 8.57
C ASP A 143 -26.56 -34.08 9.01
N LEU A 144 -26.37 -32.76 9.01
CA LEU A 144 -25.10 -32.18 9.46
C LEU A 144 -24.88 -32.44 10.95
N ILE A 145 -25.93 -32.23 11.74
CA ILE A 145 -25.87 -32.49 13.17
C ILE A 145 -25.57 -33.97 13.45
N GLN A 146 -26.19 -34.86 12.69
CA GLN A 146 -25.94 -36.29 12.85
C GLN A 146 -24.47 -36.65 12.53
N SER A 147 -23.94 -36.04 11.47
CA SER A 147 -22.52 -36.22 11.15
C SER A 147 -21.64 -35.76 12.31
N ASP A 148 -21.99 -34.62 12.89
CA ASP A 148 -21.26 -34.07 14.04
C ASP A 148 -21.32 -35.01 15.25
N ILE A 149 -22.49 -35.55 15.53
CA ILE A 149 -22.67 -36.51 16.62
C ILE A 149 -21.83 -37.77 16.39
N ALA A 150 -21.81 -38.23 15.14
CA ALA A 150 -21.04 -39.40 14.78
C ALA A 150 -19.55 -39.13 14.97
N ALA A 151 -19.12 -37.91 14.65
CA ALA A 151 -17.72 -37.55 14.84
C ALA A 151 -17.38 -37.44 16.33
N LEU A 152 -18.35 -36.99 17.11
CA LEU A 152 -18.20 -36.85 18.56
C LEU A 152 -17.97 -38.23 19.18
N HIS A 153 -18.83 -39.18 18.83
CA HIS A 153 -18.68 -40.56 19.30
C HIS A 153 -17.37 -41.16 18.80
N HIS A 154 -17.03 -40.84 17.55
CA HIS A 154 -15.84 -41.35 16.89
C HIS A 154 -14.53 -40.93 17.58
N PHE A 155 -14.42 -39.67 18.00
CA PHE A 155 -13.16 -39.15 18.55
C PHE A 155 -13.13 -38.91 20.06
N TYR A 156 -14.29 -38.87 20.70
CA TYR A 156 -14.31 -38.46 22.11
C TYR A 156 -15.02 -39.43 23.05
N SER A 157 -15.08 -40.71 22.69
CA SER A 157 -15.76 -41.68 23.54
C SER A 157 -14.98 -42.10 24.78
N LYS A 158 -13.70 -41.77 24.83
CA LYS A 158 -12.84 -42.24 25.91
C LYS A 158 -13.23 -41.72 27.30
N HIS A 159 -13.45 -40.40 27.39
CA HIS A 159 -13.70 -39.73 28.67
C HIS A 159 -15.10 -39.17 28.89
N LEU A 160 -15.90 -39.17 27.84
CA LEU A 160 -17.24 -38.56 27.89
C LEU A 160 -18.39 -39.56 28.11
N GLU A 161 -19.36 -39.17 28.93
CA GLU A 161 -20.57 -39.99 29.11
C GLU A 161 -21.72 -39.33 28.38
N PHE A 162 -22.04 -39.88 27.22
CA PHE A 162 -23.03 -39.28 26.32
C PHE A 162 -24.48 -39.47 26.73
N PRO A 163 -25.30 -38.42 26.55
CA PRO A 163 -26.75 -38.51 26.71
C PRO A 163 -27.32 -39.22 25.48
N ASP A 164 -28.64 -39.35 25.37
CA ASP A 164 -29.22 -39.98 24.18
C ASP A 164 -29.01 -39.08 22.96
N ASN A 165 -29.22 -39.64 21.77
CA ASN A 165 -29.04 -38.89 20.53
C ASN A 165 -29.86 -37.59 20.48
N ASP A 166 -31.10 -37.65 20.98
CA ASP A 166 -31.98 -36.49 21.01
C ASP A 166 -31.39 -35.28 21.75
N SER A 167 -30.78 -35.55 22.91
CA SER A 167 -30.17 -34.50 23.70
C SER A 167 -28.93 -33.94 23.01
N LEU A 168 -28.23 -34.79 22.26
CA LEU A 168 -27.05 -34.35 21.53
C LEU A 168 -27.46 -33.47 20.36
N VAL A 169 -28.60 -33.78 19.76
CA VAL A 169 -29.08 -32.96 18.65
C VAL A 169 -29.46 -31.60 19.22
N VAL A 170 -30.11 -31.62 20.39
CA VAL A 170 -30.45 -30.39 21.08
C VAL A 170 -29.22 -29.55 21.44
N LEU A 171 -28.19 -30.22 21.94
CA LEU A 171 -26.95 -29.56 22.32
C LEU A 171 -26.27 -28.92 21.12
N PHE A 172 -26.06 -29.71 20.08
CA PHE A 172 -25.45 -29.21 18.85
C PHE A 172 -26.25 -28.04 18.25
N ALA A 173 -27.57 -28.11 18.34
CA ALA A 173 -28.37 -26.99 17.82
C ALA A 173 -28.15 -25.76 18.66
N GLN A 174 -28.03 -25.96 19.97
CA GLN A 174 -27.78 -24.85 20.89
C GLN A 174 -26.43 -24.22 20.60
N VAL A 175 -25.44 -25.06 20.31
CA VAL A 175 -24.09 -24.57 20.01
C VAL A 175 -24.07 -23.79 18.71
N ASN A 176 -24.74 -24.28 17.67
CA ASN A 176 -24.79 -23.52 16.44
C ASN A 176 -25.51 -22.18 16.62
N CYS A 177 -26.55 -22.19 17.45
CA CYS A 177 -27.34 -20.98 17.66
C CYS A 177 -26.70 -19.93 18.61
N ASN A 178 -25.91 -20.37 19.58
CA ASN A 178 -25.36 -19.48 20.61
C ASN A 178 -23.84 -19.36 20.69
N GLY A 179 -23.12 -20.18 19.92
CA GLY A 179 -21.67 -20.17 19.95
C GLY A 179 -21.01 -18.96 19.35
N PHE A 180 -19.83 -18.60 19.86
CA PHE A 180 -19.08 -17.45 19.36
C PHE A 180 -17.74 -17.88 18.78
N THR A 181 -17.33 -17.21 17.71
CA THR A 181 -15.97 -17.34 17.24
C THR A 181 -15.19 -16.25 17.94
N ILE A 182 -13.94 -16.53 18.28
CA ILE A 182 -13.10 -15.51 18.87
C ILE A 182 -12.10 -15.06 17.82
N GLU A 183 -12.02 -13.75 17.58
CA GLU A 183 -11.09 -13.20 16.60
C GLU A 183 -10.04 -12.33 17.28
N ASP A 184 -8.89 -12.14 16.62
CA ASP A 184 -7.86 -11.24 17.16
C ASP A 184 -8.09 -9.81 16.69
N GLU A 185 -7.08 -8.96 16.82
CA GLU A 185 -7.23 -7.55 16.45
C GLU A 185 -7.36 -7.36 14.94
N GLU A 186 -6.98 -8.36 14.17
CA GLU A 186 -7.12 -8.28 12.72
C GLU A 186 -8.36 -9.03 12.23
N LEU A 187 -9.17 -9.49 13.18
CA LEU A 187 -10.38 -10.27 12.91
C LEU A 187 -10.05 -11.64 12.34
N SER A 188 -8.84 -12.10 12.62
CA SER A 188 -8.41 -13.42 12.21
C SER A 188 -8.99 -14.45 13.19
N HIS A 189 -9.47 -15.57 12.67
CA HIS A 189 -10.09 -16.59 13.50
C HIS A 189 -9.07 -17.23 14.47
N LEU A 190 -9.38 -17.19 15.75
CA LEU A 190 -8.53 -17.73 16.81
C LEU A 190 -9.09 -19.04 17.36
N GLY A 191 -10.41 -19.10 17.51
CA GLY A 191 -11.03 -20.25 18.12
C GLY A 191 -12.53 -20.08 18.31
N SER A 192 -13.12 -20.96 19.11
CA SER A 192 -14.57 -20.91 19.32
C SER A 192 -14.89 -21.07 20.81
N ALA A 193 -15.98 -20.46 21.25
CA ALA A 193 -16.29 -20.47 22.68
C ALA A 193 -17.76 -20.26 22.98
N ILE A 194 -18.14 -20.61 24.20
CA ILE A 194 -19.48 -20.34 24.71
C ILE A 194 -19.43 -19.25 25.77
N PHE A 195 -20.20 -18.19 25.55
CA PHE A 195 -20.33 -17.10 26.52
C PHE A 195 -21.81 -16.90 26.80
N PRO A 196 -22.36 -17.68 27.75
CA PRO A 196 -23.81 -17.71 27.99
C PRO A 196 -24.45 -16.36 28.28
N ASP A 197 -23.83 -15.55 29.13
CA ASP A 197 -24.42 -14.25 29.43
C ASP A 197 -24.35 -13.33 28.22
N VAL A 198 -23.31 -13.50 27.41
CA VAL A 198 -23.17 -12.69 26.21
C VAL A 198 -24.17 -13.13 25.14
N ALA A 199 -24.45 -14.42 25.10
CA ALA A 199 -25.39 -14.97 24.14
C ALA A 199 -26.84 -14.55 24.43
N LEU A 200 -27.06 -13.95 25.59
CA LEU A 200 -28.39 -13.43 25.91
C LEU A 200 -28.79 -12.25 25.03
N MET A 201 -27.80 -11.48 24.59
CA MET A 201 -28.06 -10.29 23.78
C MET A 201 -28.61 -10.66 22.41
N ASN A 202 -29.68 -9.98 22.02
CA ASN A 202 -30.28 -10.14 20.70
C ASN A 202 -29.52 -9.38 19.62
N HIS A 203 -29.86 -9.67 18.36
CA HIS A 203 -29.19 -9.06 17.23
C HIS A 203 -29.87 -7.80 16.71
N SER A 204 -29.03 -6.90 16.20
CA SER A 204 -29.48 -5.75 15.42
C SER A 204 -28.42 -5.40 14.37
N CYS A 205 -28.85 -4.90 13.22
CA CYS A 205 -27.91 -4.44 12.21
C CYS A 205 -27.38 -3.05 12.51
N CYS A 206 -27.97 -2.40 13.50
CA CYS A 206 -27.45 -1.14 14.02
C CYS A 206 -27.28 -1.31 15.52
N PRO A 207 -26.37 -2.20 15.94
CA PRO A 207 -26.16 -2.53 17.36
C PRO A 207 -25.67 -1.36 18.18
N ASN A 208 -25.89 -1.42 19.49
CA ASN A 208 -25.41 -0.38 20.41
C ASN A 208 -24.23 -0.88 21.24
N VAL A 209 -23.85 -2.14 21.07
CA VAL A 209 -22.66 -2.65 21.72
C VAL A 209 -21.80 -3.49 20.79
N ILE A 210 -20.53 -3.64 21.16
CA ILE A 210 -19.61 -4.53 20.49
C ILE A 210 -18.96 -5.48 21.49
N VAL A 211 -18.82 -6.73 21.07
CA VAL A 211 -18.13 -7.75 21.85
C VAL A 211 -16.68 -7.85 21.39
N THR A 212 -15.77 -7.81 22.35
CA THR A 212 -14.36 -8.03 22.09
C THR A 212 -13.82 -9.09 23.02
N TYR A 213 -12.58 -9.51 22.80
CA TYR A 213 -12.00 -10.55 23.63
C TYR A 213 -10.67 -10.16 24.22
N LYS A 214 -10.52 -10.51 25.50
CA LYS A 214 -9.32 -10.30 26.28
C LYS A 214 -8.86 -11.68 26.77
N GLY A 215 -8.09 -12.36 25.94
CA GLY A 215 -7.75 -13.75 26.17
C GLY A 215 -9.01 -14.55 25.90
N THR A 216 -9.50 -15.25 26.92
CA THR A 216 -10.72 -16.01 26.80
C THR A 216 -11.89 -15.28 27.45
N LEU A 217 -11.62 -14.04 27.89
CA LEU A 217 -12.66 -13.22 28.52
C LEU A 217 -13.41 -12.37 27.50
N ALA A 218 -14.73 -12.52 27.42
CA ALA A 218 -15.52 -11.65 26.56
C ALA A 218 -15.83 -10.31 27.25
N GLU A 219 -15.75 -9.22 26.49
CA GLU A 219 -16.07 -7.90 27.01
C GLU A 219 -17.13 -7.23 26.14
N VAL A 220 -18.07 -6.52 26.77
CA VAL A 220 -19.15 -5.90 26.01
C VAL A 220 -19.14 -4.37 26.24
N ARG A 221 -18.85 -3.61 25.19
CA ARG A 221 -18.79 -2.14 25.32
C ARG A 221 -19.76 -1.40 24.41
N ALA A 222 -20.30 -0.29 24.91
CA ALA A 222 -21.22 0.53 24.12
C ALA A 222 -20.58 1.25 22.94
N VAL A 223 -21.25 1.23 21.80
CA VAL A 223 -20.83 1.96 20.60
C VAL A 223 -21.87 3.03 20.28
N GLN A 224 -22.90 3.10 21.10
CA GLN A 224 -23.98 4.08 21.03
C GLN A 224 -24.41 4.34 22.46
N GLU A 225 -25.01 5.50 22.70
CA GLU A 225 -25.53 5.78 24.04
C GLU A 225 -26.68 4.87 24.34
N ILE A 226 -26.69 4.32 25.55
CA ILE A 226 -27.77 3.44 25.96
C ILE A 226 -28.43 4.05 27.18
N LYS A 227 -29.76 4.11 27.17
CA LYS A 227 -30.50 4.70 28.27
C LYS A 227 -31.28 3.60 28.97
N PRO A 228 -31.61 3.81 30.26
CA PRO A 228 -32.40 2.82 31.00
C PRO A 228 -33.69 2.42 30.27
N GLY A 229 -33.94 1.12 30.21
CA GLY A 229 -35.11 0.60 29.52
C GLY A 229 -34.84 0.13 28.10
N GLU A 230 -33.74 0.59 27.52
CA GLU A 230 -33.38 0.19 26.16
C GLU A 230 -32.78 -1.21 26.12
N GLU A 231 -33.14 -1.96 25.09
CA GLU A 231 -32.58 -3.29 24.91
C GLU A 231 -31.15 -3.15 24.36
N VAL A 232 -30.29 -4.06 24.79
CA VAL A 232 -28.89 -4.11 24.38
C VAL A 232 -28.74 -5.03 23.20
N PHE A 233 -28.31 -4.48 22.06
CA PHE A 233 -28.12 -5.30 20.87
C PHE A 233 -26.69 -5.36 20.36
N THR A 234 -26.32 -6.55 19.91
CA THR A 234 -25.01 -6.77 19.30
C THR A 234 -25.25 -7.27 17.89
N SER A 235 -24.23 -7.20 17.04
CA SER A 235 -24.36 -7.75 15.70
C SER A 235 -23.80 -9.16 15.63
N TYR A 236 -24.58 -10.08 15.06
CA TYR A 236 -24.17 -11.47 14.91
C TYR A 236 -23.38 -11.70 13.63
N ILE A 237 -23.46 -10.76 12.70
CA ILE A 237 -22.93 -10.96 11.35
C ILE A 237 -22.14 -9.79 10.76
N ASP A 238 -21.55 -10.01 9.59
CA ASP A 238 -20.85 -8.96 8.86
C ASP A 238 -21.89 -7.99 8.32
N LEU A 239 -21.84 -6.75 8.78
CA LEU A 239 -22.83 -5.73 8.39
C LEU A 239 -22.56 -5.04 7.04
N LEU A 240 -21.55 -5.47 6.30
CA LEU A 240 -21.26 -4.87 5.00
C LEU A 240 -22.38 -5.05 3.98
N TYR A 241 -22.99 -6.22 4.01
CA TYR A 241 -23.90 -6.63 2.95
C TYR A 241 -25.27 -5.94 3.07
N PRO A 242 -26.01 -5.86 1.95
CA PRO A 242 -27.34 -5.26 1.98
C PRO A 242 -28.36 -6.11 2.74
N THR A 243 -29.52 -5.52 3.02
CA THR A 243 -30.55 -6.11 3.86
C THR A 243 -30.96 -7.54 3.51
N GLU A 244 -31.24 -7.80 2.24
CA GLU A 244 -31.65 -9.14 1.81
C GLU A 244 -30.59 -10.18 2.16
N ASP A 245 -29.34 -9.90 1.84
CA ASP A 245 -28.23 -10.80 2.13
C ASP A 245 -28.11 -11.08 3.63
N ARG A 246 -28.18 -10.00 4.41
CA ARG A 246 -28.06 -10.06 5.86
C ARG A 246 -29.11 -10.98 6.43
N ASN A 247 -30.34 -10.79 5.97
CA ASN A 247 -31.46 -11.57 6.45
C ASN A 247 -31.45 -13.01 5.95
N ASP A 248 -30.85 -13.24 4.79
CA ASP A 248 -30.68 -14.61 4.31
C ASP A 248 -29.73 -15.35 5.26
N ARG A 249 -28.67 -14.66 5.69
CA ARG A 249 -27.74 -15.28 6.62
C ARG A 249 -28.36 -15.47 8.01
N LEU A 250 -29.07 -14.46 8.50
CA LEU A 250 -29.73 -14.55 9.80
C LEU A 250 -30.81 -15.63 9.83
N ARG A 251 -31.56 -15.76 8.74
CA ARG A 251 -32.58 -16.81 8.65
C ARG A 251 -31.95 -18.19 8.61
N ASP A 252 -30.93 -18.34 7.77
CA ASP A 252 -30.27 -19.63 7.64
C ASP A 252 -29.55 -20.10 8.92
N SER A 253 -28.79 -19.22 9.54
CA SER A 253 -28.00 -19.59 10.72
C SER A 253 -28.69 -19.40 12.07
N TYR A 254 -29.63 -18.46 12.16
CA TYR A 254 -30.23 -18.11 13.46
C TYR A 254 -31.76 -18.14 13.44
N PHE A 255 -32.32 -18.57 12.32
CA PHE A 255 -33.76 -18.79 12.20
C PHE A 255 -34.68 -17.62 12.55
N PHE A 256 -34.27 -16.39 12.22
CA PHE A 256 -35.14 -15.25 12.46
C PHE A 256 -34.92 -14.18 11.41
N THR A 257 -35.86 -13.25 11.31
CA THR A 257 -35.74 -12.11 10.42
C THR A 257 -35.65 -10.85 11.25
N CYS A 258 -34.63 -10.04 10.96
CA CYS A 258 -34.42 -8.79 11.67
C CYS A 258 -35.39 -7.70 11.19
N GLU A 259 -35.89 -6.91 12.15
CA GLU A 259 -36.75 -5.77 11.86
C GLU A 259 -36.19 -4.45 12.41
N CYS A 260 -34.87 -4.37 12.55
CA CYS A 260 -34.23 -3.15 13.03
C CYS A 260 -34.44 -1.97 12.07
N GLN A 261 -33.99 -0.79 12.46
CA GLN A 261 -34.16 0.38 11.62
C GLN A 261 -33.53 0.23 10.25
N GLU A 262 -32.37 -0.42 10.19
CA GLU A 262 -31.67 -0.66 8.93
C GLU A 262 -32.39 -1.58 7.96
N CYS A 263 -32.95 -2.66 8.49
CA CYS A 263 -33.69 -3.61 7.66
C CYS A 263 -35.03 -3.05 7.19
N THR A 264 -35.64 -2.20 8.01
CA THR A 264 -36.93 -1.60 7.68
C THR A 264 -36.78 -0.46 6.67
N THR A 265 -35.88 0.48 6.97
CA THR A 265 -35.67 1.64 6.11
C THR A 265 -34.87 1.28 4.84
N LYS A 266 -33.92 0.36 4.98
CA LYS A 266 -33.01 -0.06 3.90
C LYS A 266 -32.15 1.09 3.37
N ASP A 267 -31.87 2.07 4.24
CA ASP A 267 -31.14 3.28 3.87
C ASP A 267 -29.84 3.07 3.10
N LYS A 268 -29.01 2.16 3.60
CA LYS A 268 -27.68 1.95 3.01
C LYS A 268 -27.65 1.03 1.80
N ASP A 269 -28.76 0.38 1.51
CA ASP A 269 -28.83 -0.57 0.40
C ASP A 269 -28.46 0.05 -0.96
N LYS A 270 -28.93 1.26 -1.21
CA LYS A 270 -28.64 1.95 -2.47
C LYS A 270 -27.14 2.14 -2.71
N ALA A 271 -26.46 2.75 -1.74
CA ALA A 271 -25.02 2.95 -1.79
C ALA A 271 -24.22 1.65 -1.78
N LYS A 272 -24.71 0.65 -1.06
CA LYS A 272 -24.03 -0.65 -0.99
C LYS A 272 -24.01 -1.32 -2.36
N VAL A 273 -25.12 -1.20 -3.10
CA VAL A 273 -25.21 -1.76 -4.45
C VAL A 273 -25.18 -0.61 -5.46
N GLU A 274 -24.19 0.27 -5.31
CA GLU A 274 -23.98 1.43 -6.18
C GLU A 274 -23.81 1.04 -7.64
N ILE A 275 -24.56 1.70 -8.51
CA ILE A 275 -24.51 1.42 -9.95
C ILE A 275 -23.76 2.54 -10.68
N ARG A 276 -22.98 2.16 -11.69
CA ARG A 276 -22.23 3.12 -12.50
C ARG A 276 -23.15 4.12 -13.22
N LYS A 277 -22.72 5.39 -13.24
CA LYS A 277 -23.47 6.45 -13.90
C LYS A 277 -23.13 6.51 -15.38
N LEU A 278 -23.66 5.55 -16.13
CA LEU A 278 -23.39 5.42 -17.56
C LEU A 278 -24.33 6.25 -18.42
N SER A 279 -23.83 6.68 -19.58
CA SER A 279 -24.63 7.45 -20.54
C SER A 279 -25.95 6.72 -20.80
N ASP A 280 -25.83 5.42 -21.08
CA ASP A 280 -26.98 4.53 -21.20
C ASP A 280 -27.09 3.77 -19.89
N PRO A 281 -28.02 4.20 -19.01
CA PRO A 281 -28.12 3.55 -17.69
C PRO A 281 -28.50 2.08 -17.79
N PRO A 282 -27.92 1.25 -16.92
CA PRO A 282 -28.18 -0.19 -16.91
C PRO A 282 -29.61 -0.56 -16.53
N LYS A 283 -30.20 -1.46 -17.29
CA LYS A 283 -31.58 -1.91 -17.06
C LYS A 283 -31.69 -2.65 -15.72
N ALA A 284 -32.88 -2.59 -15.12
CA ALA A 284 -33.17 -3.25 -13.85
C ALA A 284 -32.81 -4.74 -13.81
N GLU A 285 -33.23 -5.46 -14.84
CA GLU A 285 -32.93 -6.89 -14.95
C GLU A 285 -31.42 -7.17 -15.06
N ALA A 286 -30.67 -6.25 -15.65
CA ALA A 286 -29.22 -6.41 -15.75
C ALA A 286 -28.58 -6.28 -14.37
N ILE A 287 -29.20 -5.44 -13.54
CA ILE A 287 -28.74 -5.25 -12.16
C ILE A 287 -29.01 -6.54 -11.41
N ARG A 288 -30.26 -7.03 -11.47
CA ARG A 288 -30.62 -8.25 -10.75
C ARG A 288 -29.74 -9.43 -11.16
N ASP A 289 -29.40 -9.48 -12.45
CA ASP A 289 -28.51 -10.52 -13.00
C ASP A 289 -27.09 -10.43 -12.46
N MET A 290 -26.56 -9.22 -12.40
CA MET A 290 -25.20 -9.04 -11.88
C MET A 290 -25.16 -9.32 -10.37
N VAL A 291 -26.22 -8.97 -9.64
CA VAL A 291 -26.31 -9.28 -8.22
C VAL A 291 -26.33 -10.79 -7.97
N ARG A 292 -27.08 -11.50 -8.83
CA ARG A 292 -27.16 -12.95 -8.75
C ARG A 292 -25.78 -13.54 -9.02
N TYR A 293 -25.13 -13.02 -10.05
CA TYR A 293 -23.79 -13.46 -10.42
C TYR A 293 -22.83 -13.23 -9.25
N ALA A 294 -22.92 -12.06 -8.63
CA ALA A 294 -22.08 -11.69 -7.49
C ALA A 294 -22.21 -12.67 -6.33
N ARG A 295 -23.43 -13.03 -5.98
CA ARG A 295 -23.60 -14.01 -4.91
C ARG A 295 -23.05 -15.38 -5.31
N ASN A 296 -23.23 -15.73 -6.58
CA ASN A 296 -22.69 -17.00 -7.07
C ASN A 296 -21.17 -17.06 -7.03
N VAL A 297 -20.50 -15.98 -7.45
CA VAL A 297 -19.04 -15.98 -7.40
C VAL A 297 -18.57 -15.97 -5.95
N ILE A 298 -19.30 -15.28 -5.07
CA ILE A 298 -18.92 -15.30 -3.65
C ILE A 298 -18.88 -16.74 -3.12
N GLU A 299 -19.90 -17.52 -3.47
CA GLU A 299 -19.99 -18.92 -3.02
C GLU A 299 -18.95 -19.80 -3.70
N GLU A 300 -18.76 -19.55 -4.99
CA GLU A 300 -17.80 -20.28 -5.82
C GLU A 300 -16.40 -20.10 -5.27
N PHE A 301 -16.03 -18.85 -5.00
CA PHE A 301 -14.72 -18.51 -4.45
C PHE A 301 -14.56 -19.18 -3.09
N ARG A 302 -15.63 -19.12 -2.29
CA ARG A 302 -15.63 -19.75 -0.96
C ARG A 302 -15.20 -21.21 -1.10
N ARG A 303 -15.72 -21.91 -2.12
CA ARG A 303 -15.31 -23.30 -2.35
C ARG A 303 -13.88 -23.40 -2.90
N ALA A 304 -13.54 -22.55 -3.86
CA ALA A 304 -12.24 -22.55 -4.52
C ALA A 304 -11.01 -22.34 -3.63
N LYS A 305 -11.13 -21.54 -2.56
CA LYS A 305 -9.95 -21.33 -1.71
C LYS A 305 -9.46 -22.62 -1.03
N HIS A 306 -10.32 -23.64 -0.98
CA HIS A 306 -9.94 -24.92 -0.38
C HIS A 306 -9.00 -25.78 -1.25
N TYR A 307 -8.95 -25.55 -2.56
CA TYR A 307 -8.13 -26.41 -3.41
C TYR A 307 -7.43 -25.71 -4.58
N LYS A 308 -7.85 -24.50 -4.93
CA LYS A 308 -7.22 -23.81 -6.04
C LYS A 308 -5.95 -23.09 -5.60
N SER A 309 -5.05 -22.85 -6.56
CA SER A 309 -3.80 -22.17 -6.26
C SER A 309 -4.05 -20.68 -6.06
N PRO A 310 -3.11 -19.97 -5.40
CA PRO A 310 -3.24 -18.53 -5.20
C PRO A 310 -3.40 -17.71 -6.49
N SER A 311 -2.73 -18.13 -7.54
CA SER A 311 -2.84 -17.45 -8.83
C SER A 311 -4.23 -17.65 -9.45
N GLU A 312 -4.81 -18.82 -9.24
CA GLU A 312 -6.15 -19.10 -9.75
C GLU A 312 -7.17 -18.26 -9.01
N LEU A 313 -6.99 -18.14 -7.71
CA LEU A 313 -7.86 -17.36 -6.85
C LEU A 313 -7.80 -15.88 -7.27
N LEU A 314 -6.59 -15.40 -7.53
CA LEU A 314 -6.44 -14.01 -7.96
C LEU A 314 -7.06 -13.84 -9.33
N GLU A 315 -6.99 -14.87 -10.17
CA GLU A 315 -7.62 -14.81 -11.47
C GLU A 315 -9.12 -14.66 -11.33
N ILE A 316 -9.71 -15.45 -10.44
CA ILE A 316 -11.14 -15.37 -10.19
C ILE A 316 -11.52 -13.97 -9.72
N CYS A 317 -10.73 -13.41 -8.81
CA CYS A 317 -10.97 -12.05 -8.32
C CYS A 317 -10.90 -10.99 -9.42
N GLU A 318 -9.79 -10.98 -10.15
CA GLU A 318 -9.59 -10.02 -11.23
C GLU A 318 -10.68 -10.11 -12.30
N LEU A 319 -10.92 -11.32 -12.80
CA LEU A 319 -11.92 -11.55 -13.84
C LEU A 319 -13.34 -11.18 -13.41
N SER A 320 -13.70 -11.58 -12.18
CA SER A 320 -15.02 -11.25 -11.67
C SER A 320 -15.17 -9.74 -11.43
N GLN A 321 -14.11 -9.11 -10.96
CA GLN A 321 -14.12 -7.67 -10.78
C GLN A 321 -14.29 -6.97 -12.12
N GLU A 322 -13.64 -7.53 -13.14
CA GLU A 322 -13.72 -7.00 -14.48
C GLU A 322 -15.14 -7.08 -15.02
N LYS A 323 -15.78 -8.25 -14.87
CA LYS A 323 -17.16 -8.41 -15.34
C LYS A 323 -18.14 -7.52 -14.58
N MET A 324 -18.02 -7.48 -13.26
CA MET A 324 -18.90 -6.67 -12.41
C MET A 324 -18.74 -5.16 -12.63
N SER A 325 -17.52 -4.73 -12.97
CA SER A 325 -17.21 -3.30 -13.12
C SER A 325 -17.97 -2.58 -14.25
N SER A 326 -18.53 -3.33 -15.19
CA SER A 326 -19.32 -2.74 -16.27
C SER A 326 -20.64 -2.17 -15.76
N VAL A 327 -21.13 -2.74 -14.66
CA VAL A 327 -22.40 -2.37 -14.04
C VAL A 327 -22.17 -1.75 -12.65
N PHE A 328 -21.34 -2.40 -11.84
CA PHE A 328 -21.11 -1.98 -10.46
C PHE A 328 -19.97 -0.97 -10.30
N GLU A 329 -20.16 -0.05 -9.35
CA GLU A 329 -19.15 0.93 -8.97
C GLU A 329 -18.11 0.28 -8.09
N ASP A 330 -16.94 0.90 -7.99
CA ASP A 330 -15.85 0.36 -7.17
C ASP A 330 -16.26 0.32 -5.70
N SER A 331 -17.12 1.25 -5.31
CA SER A 331 -17.62 1.34 -3.94
C SER A 331 -18.70 0.29 -3.66
N ASN A 332 -19.11 -0.44 -4.69
CA ASN A 332 -20.09 -1.50 -4.53
C ASN A 332 -19.54 -2.64 -3.67
N VAL A 333 -20.36 -3.12 -2.73
CA VAL A 333 -19.92 -4.11 -1.76
C VAL A 333 -19.43 -5.45 -2.32
N TYR A 334 -19.94 -5.88 -3.47
CA TYR A 334 -19.49 -7.13 -4.10
C TYR A 334 -18.08 -6.96 -4.70
N MET A 335 -17.83 -5.76 -5.20
CA MET A 335 -16.52 -5.39 -5.72
C MET A 335 -15.58 -5.39 -4.55
N LEU A 336 -16.01 -4.76 -3.46
CA LEU A 336 -15.24 -4.71 -2.24
C LEU A 336 -14.93 -6.10 -1.71
N HIS A 337 -15.91 -7.00 -1.78
CA HIS A 337 -15.73 -8.38 -1.33
C HIS A 337 -14.60 -9.04 -2.11
N MET A 338 -14.65 -8.94 -3.44
CA MET A 338 -13.61 -9.55 -4.26
C MET A 338 -12.25 -8.91 -3.99
N MET A 339 -12.24 -7.60 -3.82
CA MET A 339 -11.02 -6.87 -3.51
C MET A 339 -10.40 -7.35 -2.20
N TYR A 340 -11.26 -7.57 -1.20
CA TYR A 340 -10.83 -8.05 0.10
C TYR A 340 -10.24 -9.46 0.03
N GLN A 341 -10.91 -10.33 -0.72
CA GLN A 341 -10.42 -11.69 -0.93
C GLN A 341 -9.07 -11.67 -1.63
N ALA A 342 -8.96 -10.83 -2.64
CA ALA A 342 -7.72 -10.67 -3.39
C ALA A 342 -6.59 -10.13 -2.52
N MET A 343 -6.93 -9.19 -1.64
CA MET A 343 -5.97 -8.68 -0.68
C MET A 343 -5.46 -9.81 0.21
N GLY A 344 -6.37 -10.66 0.68
CA GLY A 344 -5.97 -11.81 1.46
C GLY A 344 -5.02 -12.74 0.74
N VAL A 345 -5.31 -12.98 -0.55
CA VAL A 345 -4.44 -13.82 -1.38
C VAL A 345 -3.05 -13.21 -1.54
N CYS A 346 -3.00 -11.92 -1.84
CA CYS A 346 -1.74 -11.18 -1.95
C CYS A 346 -0.94 -11.33 -0.66
N LEU A 347 -1.62 -11.14 0.47
CA LEU A 347 -0.99 -11.25 1.77
C LEU A 347 -0.36 -12.62 1.96
N TYR A 348 -1.08 -13.69 1.58
CA TYR A 348 -0.52 -15.04 1.71
C TYR A 348 0.76 -15.21 0.90
N MET A 349 0.77 -14.72 -0.33
CA MET A 349 1.92 -14.83 -1.22
C MET A 349 3.08 -13.94 -0.81
N GLN A 350 2.85 -13.17 0.25
CA GLN A 350 3.81 -12.20 0.76
C GLN A 350 4.10 -11.14 -0.30
N ASP A 351 3.07 -10.89 -1.12
CA ASP A 351 3.08 -9.82 -2.10
C ASP A 351 2.50 -8.59 -1.38
N TRP A 352 3.34 -7.92 -0.58
CA TRP A 352 2.89 -6.80 0.25
C TRP A 352 2.36 -5.58 -0.49
N GLU A 353 2.99 -5.23 -1.60
CA GLU A 353 2.59 -4.10 -2.42
C GLU A 353 1.19 -4.26 -3.02
N GLY A 354 0.87 -5.45 -3.52
CA GLY A 354 -0.44 -5.72 -4.09
C GLY A 354 -1.54 -5.63 -3.05
N ALA A 355 -1.26 -6.19 -1.88
CA ALA A 355 -2.19 -6.15 -0.75
C ALA A 355 -2.46 -4.72 -0.34
N LEU A 356 -1.40 -3.91 -0.25
CA LEU A 356 -1.58 -2.50 0.08
C LEU A 356 -2.45 -1.82 -0.99
N GLN A 357 -2.11 -2.11 -2.24
CA GLN A 357 -2.81 -1.60 -3.42
C GLN A 357 -4.33 -1.81 -3.34
N TYR A 358 -4.74 -3.03 -2.96
CA TYR A 358 -6.16 -3.35 -2.80
C TYR A 358 -6.79 -2.69 -1.58
N GLY A 359 -6.10 -2.80 -0.44
CA GLY A 359 -6.59 -2.23 0.80
C GLY A 359 -6.90 -0.75 0.70
N GLN A 360 -6.08 -0.01 -0.04
CA GLN A 360 -6.28 1.43 -0.22
C GLN A 360 -7.62 1.69 -0.92
N LYS A 361 -7.98 0.81 -1.85
CA LYS A 361 -9.22 0.90 -2.59
C LYS A 361 -10.41 0.46 -1.72
N ILE A 362 -10.12 -0.38 -0.73
CA ILE A 362 -11.16 -0.95 0.13
C ILE A 362 -11.58 -0.05 1.30
N ILE A 363 -10.63 0.63 1.93
CA ILE A 363 -10.84 1.32 3.21
C ILE A 363 -11.98 2.37 3.29
N LYS A 364 -12.06 3.30 2.35
CA LYS A 364 -13.09 4.34 2.39
C LYS A 364 -14.53 3.82 2.22
N PRO A 365 -14.79 2.97 1.22
CA PRO A 365 -16.15 2.40 1.14
C PRO A 365 -16.52 1.62 2.41
N TYR A 366 -15.53 1.00 3.05
CA TYR A 366 -15.77 0.29 4.30
C TYR A 366 -16.27 1.29 5.35
N SER A 367 -15.57 2.42 5.46
CA SER A 367 -15.95 3.47 6.40
C SER A 367 -17.35 3.98 6.15
N LYS A 368 -17.76 4.02 4.89
CA LYS A 368 -19.10 4.52 4.58
C LYS A 368 -20.23 3.47 4.74
N HIS A 369 -19.92 2.20 4.54
CA HIS A 369 -20.92 1.14 4.66
C HIS A 369 -21.11 0.59 6.07
N TYR A 370 -20.03 0.57 6.85
CA TYR A 370 -20.09 0.02 8.21
C TYR A 370 -20.53 1.09 9.22
N PRO A 371 -21.01 0.64 10.39
CA PRO A 371 -21.41 1.59 11.44
C PRO A 371 -20.23 2.42 11.92
N LEU A 372 -20.52 3.50 12.64
CA LEU A 372 -19.51 4.42 13.15
C LEU A 372 -18.29 3.73 13.79
N TYR A 373 -18.53 2.78 14.69
CA TYR A 373 -17.41 2.09 15.29
C TYR A 373 -17.54 0.64 14.86
N SER A 374 -16.58 0.20 14.08
CA SER A 374 -16.66 -1.12 13.49
C SER A 374 -15.33 -1.82 13.59
N LEU A 375 -15.35 -3.05 14.06
CA LEU A 375 -14.14 -3.82 14.12
C LEU A 375 -13.63 -4.08 12.72
N ASN A 376 -14.51 -4.21 11.73
CA ASN A 376 -14.07 -4.43 10.36
C ASN A 376 -13.27 -3.23 9.82
N VAL A 377 -13.75 -2.03 10.13
CA VAL A 377 -13.04 -0.82 9.71
C VAL A 377 -11.70 -0.69 10.45
N ALA A 378 -11.74 -0.83 11.77
CA ALA A 378 -10.54 -0.72 12.60
C ALA A 378 -9.50 -1.72 12.14
N SER A 379 -9.95 -2.94 11.87
CA SER A 379 -9.11 -4.05 11.44
C SER A 379 -8.48 -3.76 10.08
N MET A 380 -9.26 -3.15 9.19
CA MET A 380 -8.74 -2.79 7.86
C MET A 380 -7.67 -1.71 7.99
N TRP A 381 -7.95 -0.70 8.81
CA TRP A 381 -6.98 0.37 9.05
C TRP A 381 -5.70 -0.23 9.62
N LEU A 382 -5.86 -1.17 10.54
CA LEU A 382 -4.74 -1.83 11.19
C LEU A 382 -3.88 -2.60 10.18
N LYS A 383 -4.53 -3.40 9.33
CA LYS A 383 -3.83 -4.12 8.27
C LYS A 383 -3.04 -3.16 7.37
N LEU A 384 -3.71 -2.09 6.95
CA LEU A 384 -3.10 -1.07 6.10
C LEU A 384 -1.88 -0.47 6.76
N GLY A 385 -2.04 -0.09 8.03
CA GLY A 385 -0.98 0.48 8.82
C GLY A 385 0.21 -0.44 8.92
N ARG A 386 -0.03 -1.72 9.20
CA ARG A 386 1.06 -2.69 9.31
C ARG A 386 1.77 -2.92 7.98
N LEU A 387 1.02 -2.86 6.88
CA LEU A 387 1.63 -2.99 5.55
C LEU A 387 2.50 -1.77 5.27
N TYR A 388 1.98 -0.56 5.53
CA TYR A 388 2.75 0.66 5.34
C TYR A 388 4.03 0.64 6.18
N MET A 389 3.91 0.25 7.44
CA MET A 389 5.06 0.18 8.35
C MET A 389 6.09 -0.83 7.86
N GLY A 390 5.62 -2.02 7.48
CA GLY A 390 6.49 -3.08 6.97
C GLY A 390 7.21 -2.61 5.71
N LEU A 391 6.54 -1.74 4.94
CA LEU A 391 7.10 -1.20 3.69
C LEU A 391 7.81 0.16 3.88
N GLU A 392 8.17 0.49 5.14
CA GLU A 392 8.95 1.67 5.54
C GLU A 392 8.33 3.06 5.37
N HIS A 393 7.01 3.09 5.26
CA HIS A 393 6.20 4.29 5.11
C HIS A 393 5.58 4.80 6.42
N LYS A 394 6.42 5.31 7.30
CA LYS A 394 6.02 5.67 8.64
C LYS A 394 4.95 6.73 8.77
N ALA A 395 4.91 7.75 7.93
CA ALA A 395 3.81 8.72 8.10
C ALA A 395 2.41 8.17 7.78
N ALA A 396 2.28 7.48 6.64
CA ALA A 396 0.99 6.89 6.28
C ALA A 396 0.60 5.78 7.25
N GLY A 397 1.62 5.01 7.65
CA GLY A 397 1.44 3.93 8.61
C GLY A 397 0.98 4.42 9.96
N GLU A 398 1.66 5.43 10.47
CA GLU A 398 1.32 6.04 11.74
C GLU A 398 -0.11 6.58 11.69
N LYS A 399 -0.45 7.24 10.58
CA LYS A 399 -1.82 7.74 10.41
C LYS A 399 -2.89 6.62 10.47
N ALA A 400 -2.68 5.55 9.72
CA ALA A 400 -3.66 4.44 9.71
C ALA A 400 -3.75 3.73 11.06
N LEU A 401 -2.59 3.53 11.70
CA LEU A 401 -2.52 2.89 13.01
C LEU A 401 -3.24 3.73 14.06
N LYS A 402 -3.13 5.04 13.94
CA LYS A 402 -3.83 5.92 14.86
C LYS A 402 -5.34 5.94 14.59
N LYS A 403 -5.73 5.73 13.33
CA LYS A 403 -7.18 5.56 13.08
C LYS A 403 -7.72 4.27 13.73
N ALA A 404 -6.95 3.19 13.59
CA ALA A 404 -7.32 1.92 14.19
C ALA A 404 -7.43 2.05 15.71
N ILE A 405 -6.39 2.62 16.32
CA ILE A 405 -6.35 2.86 17.76
C ILE A 405 -7.59 3.63 18.17
N ALA A 406 -7.88 4.68 17.41
CA ALA A 406 -9.02 5.55 17.72
C ALA A 406 -10.34 4.78 17.80
N ILE A 407 -10.56 3.81 16.91
CA ILE A 407 -11.78 3.00 17.03
C ILE A 407 -11.69 1.99 18.19
N MET A 408 -10.53 1.34 18.29
CA MET A 408 -10.32 0.27 19.25
C MET A 408 -10.38 0.73 20.70
N GLU A 409 -10.01 1.98 20.95
CA GLU A 409 -10.09 2.54 22.30
C GLU A 409 -11.53 2.49 22.76
N VAL A 410 -12.45 2.70 21.82
CA VAL A 410 -13.87 2.66 22.11
C VAL A 410 -14.28 1.20 22.26
N ALA A 411 -14.01 0.38 21.25
CA ALA A 411 -14.45 -1.02 21.28
C ALA A 411 -13.74 -1.92 22.30
N HIS A 412 -12.41 -1.85 22.36
CA HIS A 412 -11.65 -2.73 23.26
C HIS A 412 -11.36 -2.11 24.62
N GLY A 413 -11.52 -0.80 24.72
CA GLY A 413 -11.17 -0.09 25.94
C GLY A 413 -9.77 0.46 25.81
N LYS A 414 -9.56 1.67 26.35
CA LYS A 414 -8.27 2.35 26.26
C LYS A 414 -7.06 1.53 26.78
N ASP A 415 -7.28 0.71 27.80
CA ASP A 415 -6.19 -0.07 28.39
C ASP A 415 -5.96 -1.46 27.81
N HIS A 416 -6.64 -1.80 26.72
CA HIS A 416 -6.51 -3.13 26.09
C HIS A 416 -5.07 -3.37 25.60
N PRO A 417 -4.50 -4.55 25.88
CA PRO A 417 -3.19 -5.00 25.38
C PRO A 417 -2.94 -4.82 23.88
N TYR A 418 -3.96 -5.00 23.04
CA TYR A 418 -3.80 -4.82 21.60
C TYR A 418 -3.36 -3.38 21.28
N ILE A 419 -3.91 -2.44 22.04
CA ILE A 419 -3.59 -1.03 21.83
C ILE A 419 -2.17 -0.72 22.31
N SER A 420 -1.76 -1.36 23.41
CA SER A 420 -0.39 -1.21 23.90
C SER A 420 0.59 -1.73 22.86
N GLU A 421 0.24 -2.84 22.22
CA GLU A 421 1.08 -3.40 21.17
C GLU A 421 1.16 -2.45 19.99
N ILE A 422 0.02 -1.90 19.56
CA ILE A 422 0.02 -1.00 18.42
C ILE A 422 0.85 0.26 18.68
N LYS A 423 0.68 0.83 19.86
CA LYS A 423 1.44 2.01 20.27
C LYS A 423 2.93 1.68 20.30
N GLN A 424 3.26 0.47 20.77
CA GLN A 424 4.64 0.00 20.76
C GLN A 424 5.18 -0.07 19.33
N GLU A 425 4.32 -0.48 18.39
CA GLU A 425 4.70 -0.53 16.98
C GLU A 425 4.99 0.87 16.42
N ILE A 426 4.17 1.84 16.79
CA ILE A 426 4.35 3.24 16.38
C ILE A 426 5.66 3.84 16.94
N GLU A 427 5.91 3.61 18.23
CA GLU A 427 7.09 4.16 18.91
C GLU A 427 8.40 3.51 18.49
N SER A 428 8.38 2.20 18.28
CA SER A 428 9.57 1.46 17.84
C SER A 428 10.01 1.88 16.44
N HIS A 429 9.08 2.39 15.64
CA HIS A 429 9.40 2.83 14.29
C HIS A 429 8.74 4.18 14.01
N GLY B 1 -4.23 32.30 -10.38
CA GLY B 1 -3.43 31.21 -9.82
C GLY B 1 -3.78 29.86 -10.41
N LEU B 2 -3.68 28.82 -9.58
CA LEU B 2 -3.98 27.45 -9.98
C LEU B 2 -5.06 26.87 -9.09
N GLY B 3 -6.16 26.41 -9.69
CA GLY B 3 -7.23 25.81 -8.93
C GLY B 3 -6.84 24.73 -7.95
N GLY B 4 -7.40 24.81 -6.75
CA GLY B 4 -7.12 23.87 -5.67
C GLY B 4 -5.74 23.99 -5.04
N LEU B 5 -4.99 25.02 -5.42
CA LEU B 5 -3.64 25.18 -4.88
C LEU B 5 -3.34 26.65 -4.61
N GLU B 6 -2.27 26.91 -3.87
CA GLU B 6 -1.86 28.28 -3.65
C GLU B 6 -0.41 28.37 -3.25
N ARG B 7 0.19 29.50 -3.57
CA ARG B 7 1.53 29.81 -3.11
C ARG B 7 1.45 30.25 -1.66
N PHE B 8 2.45 29.87 -0.86
CA PHE B 8 2.48 30.31 0.53
C PHE B 8 3.90 30.36 1.07
N CYS B 9 4.05 30.90 2.27
CA CYS B 9 5.36 30.92 2.90
C CYS B 9 5.56 29.73 3.83
N SER B 10 6.44 28.83 3.40
CA SER B 10 6.75 27.62 4.16
C SER B 10 7.91 27.92 5.11
N PRO B 11 7.63 27.90 6.42
CA PRO B 11 8.62 28.26 7.45
C PRO B 11 9.92 27.45 7.32
N GLY B 12 11.03 28.16 7.17
CA GLY B 12 12.33 27.53 6.99
C GLY B 12 12.56 26.95 5.60
N LYS B 13 11.62 27.14 4.70
CA LYS B 13 11.73 26.60 3.35
C LYS B 13 11.35 27.64 2.29
N GLY B 14 11.38 28.91 2.64
CA GLY B 14 11.05 30.00 1.72
C GLY B 14 9.63 29.91 1.18
N ARG B 15 9.47 30.00 -0.15
CA ARG B 15 8.14 29.89 -0.75
C ARG B 15 7.80 28.45 -1.13
N GLY B 16 6.53 28.09 -1.01
CA GLY B 16 6.08 26.76 -1.38
C GLY B 16 4.69 26.66 -1.96
N LEU B 17 4.28 25.43 -2.27
CA LEU B 17 2.95 25.17 -2.82
C LEU B 17 2.11 24.43 -1.80
N ARG B 18 0.90 24.93 -1.58
CA ARG B 18 -0.01 24.35 -0.61
C ARG B 18 -1.34 23.92 -1.25
N ALA B 19 -1.85 22.78 -0.82
CA ALA B 19 -3.14 22.25 -1.29
C ALA B 19 -4.35 22.93 -0.62
N LEU B 20 -5.41 23.17 -1.39
CA LEU B 20 -6.64 23.78 -0.86
C LEU B 20 -7.83 22.84 -0.99
N GLN B 21 -7.57 21.67 -1.55
CA GLN B 21 -8.59 20.65 -1.75
C GLN B 21 -7.89 19.30 -1.58
N PRO B 22 -8.64 18.22 -1.31
CA PRO B 22 -7.97 16.92 -1.23
C PRO B 22 -7.52 16.40 -2.58
N PHE B 23 -6.41 15.67 -2.58
CA PHE B 23 -5.94 14.98 -3.78
C PHE B 23 -5.71 13.51 -3.46
N GLN B 24 -6.22 12.62 -4.31
CA GLN B 24 -6.04 11.19 -4.12
C GLN B 24 -4.88 10.70 -4.98
N VAL B 25 -4.33 9.54 -4.63
CA VAL B 25 -3.24 8.94 -5.40
C VAL B 25 -3.62 8.85 -6.87
N GLY B 26 -2.74 9.33 -7.74
CA GLY B 26 -2.95 9.30 -9.16
C GLY B 26 -3.63 10.53 -9.73
N ASP B 27 -4.17 11.38 -8.87
CA ASP B 27 -4.83 12.61 -9.32
C ASP B 27 -3.80 13.60 -9.85
N LEU B 28 -4.18 14.28 -10.93
CA LEU B 28 -3.40 15.37 -11.50
C LEU B 28 -3.61 16.67 -10.72
N LEU B 29 -2.56 17.21 -10.09
CA LEU B 29 -2.70 18.47 -9.37
C LEU B 29 -2.71 19.61 -10.39
N PHE B 30 -1.76 19.59 -11.33
CA PHE B 30 -1.67 20.63 -12.35
C PHE B 30 -0.66 20.31 -13.46
N SER B 31 -0.79 21.07 -14.55
CA SER B 31 0.11 20.97 -15.69
C SER B 31 0.83 22.29 -15.86
N CYS B 32 2.03 22.23 -16.41
CA CYS B 32 2.78 23.45 -16.65
C CYS B 32 3.54 23.35 -17.97
N PRO B 33 3.16 24.19 -18.94
CA PRO B 33 3.89 24.19 -20.21
C PRO B 33 5.30 24.74 -20.00
N ALA B 34 6.27 24.15 -20.69
CA ALA B 34 7.66 24.60 -20.55
C ALA B 34 7.80 26.06 -20.94
N TYR B 35 8.48 26.84 -20.10
CA TYR B 35 8.73 28.24 -20.39
C TYR B 35 9.85 28.32 -21.43
N ALA B 36 10.88 27.52 -21.21
CA ALA B 36 11.99 27.40 -22.14
C ALA B 36 12.47 25.95 -22.04
N TYR B 37 12.97 25.41 -23.14
CA TYR B 37 13.39 24.02 -23.16
C TYR B 37 14.35 23.73 -24.31
N VAL B 38 15.16 22.71 -24.13
CA VAL B 38 16.12 22.33 -25.13
C VAL B 38 16.26 20.81 -25.20
N LEU B 39 16.22 20.26 -26.41
CA LEU B 39 16.44 18.83 -26.58
C LEU B 39 17.95 18.55 -26.50
N THR B 40 18.33 17.56 -25.69
CA THR B 40 19.73 17.17 -25.58
C THR B 40 20.31 16.73 -26.93
N VAL B 41 21.57 17.06 -27.18
CA VAL B 41 22.26 16.72 -28.43
C VAL B 41 22.14 15.25 -28.87
N ASN B 42 22.42 14.32 -27.96
CA ASN B 42 22.41 12.89 -28.30
C ASN B 42 21.05 12.31 -28.69
N GLU B 43 19.98 13.08 -28.49
CA GLU B 43 18.65 12.61 -28.84
C GLU B 43 18.11 13.23 -30.13
N ARG B 44 18.89 14.10 -30.76
CA ARG B 44 18.50 14.72 -32.03
C ARG B 44 18.35 13.65 -33.12
N GLY B 45 17.24 13.72 -33.84
CA GLY B 45 16.92 12.73 -34.86
C GLY B 45 15.97 11.67 -34.32
N ASN B 46 15.89 11.57 -32.99
CA ASN B 46 15.03 10.61 -32.31
C ASN B 46 13.76 11.29 -31.85
N HIS B 47 13.89 12.56 -31.49
CA HIS B 47 12.77 13.36 -30.99
C HIS B 47 12.62 14.66 -31.77
N CYS B 48 11.39 15.13 -31.89
CA CYS B 48 11.14 16.42 -32.52
C CYS B 48 11.66 17.54 -31.63
N GLU B 49 12.41 18.46 -32.21
CA GLU B 49 12.98 19.60 -31.49
C GLU B 49 11.90 20.40 -30.77
N TYR B 50 10.79 20.64 -31.45
CA TYR B 50 9.73 21.49 -30.92
C TYR B 50 8.83 20.86 -29.85
N CYS B 51 8.30 19.67 -30.13
CA CYS B 51 7.33 19.05 -29.24
C CYS B 51 7.83 17.82 -28.49
N PHE B 52 9.06 17.39 -28.79
CA PHE B 52 9.70 16.23 -28.15
C PHE B 52 9.04 14.90 -28.48
N THR B 53 8.22 14.88 -29.52
CA THR B 53 7.57 13.65 -29.96
C THR B 53 8.62 12.66 -30.46
N ARG B 54 8.58 11.43 -29.96
CA ARG B 54 9.51 10.40 -30.42
C ARG B 54 8.90 9.69 -31.62
N LYS B 55 9.57 9.81 -32.77
CA LYS B 55 9.04 9.30 -34.03
C LYS B 55 10.11 8.92 -35.05
N GLU B 56 9.75 8.03 -35.97
CA GLU B 56 10.60 7.69 -37.10
C GLU B 56 10.23 8.63 -38.25
N GLY B 57 11.14 8.82 -39.20
CA GLY B 57 10.82 9.68 -40.33
C GLY B 57 10.69 11.17 -40.00
N LEU B 58 11.50 11.65 -39.06
CA LEU B 58 11.50 13.07 -38.74
C LEU B 58 12.23 13.85 -39.83
N SER B 59 11.68 15.02 -40.19
CA SER B 59 12.24 15.87 -41.22
C SER B 59 13.44 16.66 -40.73
N LYS B 60 14.53 16.58 -41.48
CA LYS B 60 15.78 17.23 -41.16
C LYS B 60 15.76 18.71 -41.62
N CYS B 61 16.26 19.61 -40.79
CA CYS B 61 16.38 21.03 -41.15
C CYS B 61 17.39 21.17 -42.28
N GLY B 62 16.97 21.80 -43.37
CA GLY B 62 17.82 21.92 -44.54
C GLY B 62 19.11 22.71 -44.42
N ARG B 63 19.16 23.68 -43.52
CA ARG B 63 20.36 24.51 -43.39
C ARG B 63 21.45 23.87 -42.54
N CYS B 64 21.14 23.59 -41.28
CA CYS B 64 22.11 23.04 -40.34
C CYS B 64 22.22 21.51 -40.37
N LYS B 65 21.13 20.84 -40.77
CA LYS B 65 21.05 19.37 -40.77
C LYS B 65 21.19 18.72 -39.39
N GLN B 66 21.03 19.52 -38.33
CA GLN B 66 21.22 19.04 -36.98
C GLN B 66 20.03 19.38 -36.09
N ALA B 67 18.87 19.49 -36.73
CA ALA B 67 17.60 19.66 -36.04
C ALA B 67 16.54 18.87 -36.80
N PHE B 68 15.70 18.15 -36.07
CA PHE B 68 14.68 17.30 -36.69
C PHE B 68 13.29 17.60 -36.12
N TYR B 69 12.31 17.58 -37.00
CA TYR B 69 10.94 17.95 -36.66
C TYR B 69 9.89 16.95 -37.15
N CYS B 70 8.71 17.00 -36.54
CA CYS B 70 7.59 16.17 -36.95
C CYS B 70 7.21 16.55 -38.38
N ASN B 71 7.18 17.86 -38.63
CA ASN B 71 6.75 18.42 -39.90
C ASN B 71 7.17 19.87 -40.05
N VAL B 72 6.69 20.52 -41.10
CA VAL B 72 7.02 21.91 -41.38
C VAL B 72 6.46 22.86 -40.31
N GLU B 73 5.37 22.44 -39.68
CA GLU B 73 4.73 23.24 -38.62
C GLU B 73 5.61 23.30 -37.37
N CYS B 74 6.08 22.14 -36.90
CA CYS B 74 6.97 22.08 -35.75
C CYS B 74 8.24 22.90 -36.02
N GLN B 75 8.80 22.75 -37.22
CA GLN B 75 9.98 23.51 -37.65
C GLN B 75 9.74 25.01 -37.53
N LYS B 76 8.64 25.47 -38.11
CA LYS B 76 8.30 26.89 -38.10
C LYS B 76 8.09 27.40 -36.67
N GLU B 77 7.34 26.66 -35.86
CA GLU B 77 7.09 27.08 -34.47
C GLU B 77 8.36 27.10 -33.63
N ASP B 78 9.31 26.23 -33.97
CA ASP B 78 10.58 26.16 -33.24
C ASP B 78 11.62 27.18 -33.70
N TRP B 79 11.44 27.73 -34.90
CA TRP B 79 12.41 28.66 -35.47
C TRP B 79 12.87 29.83 -34.57
N PRO B 80 11.93 30.51 -33.88
CA PRO B 80 12.38 31.59 -32.97
C PRO B 80 13.45 31.16 -31.97
N MET B 81 13.47 29.89 -31.58
CA MET B 81 14.50 29.38 -30.68
C MET B 81 15.67 28.75 -31.44
N HIS B 82 15.35 27.94 -32.44
CA HIS B 82 16.37 27.26 -33.24
C HIS B 82 17.34 28.18 -33.98
N LYS B 83 16.87 29.37 -34.35
CA LYS B 83 17.72 30.31 -35.06
C LYS B 83 18.93 30.72 -34.22
N LEU B 84 18.81 30.58 -32.90
CA LEU B 84 19.95 30.87 -32.02
C LEU B 84 21.12 29.91 -32.23
N GLU B 85 20.84 28.74 -32.79
CA GLU B 85 21.86 27.71 -32.97
C GLU B 85 22.09 27.26 -34.41
N CYS B 86 21.11 27.48 -35.27
CA CYS B 86 21.16 26.97 -36.64
C CYS B 86 22.43 27.37 -37.40
N SER B 87 22.56 28.63 -37.77
CA SER B 87 23.76 29.07 -38.46
C SER B 87 25.04 28.92 -37.60
N PRO B 88 24.99 29.26 -36.30
CA PRO B 88 26.16 29.04 -35.43
C PRO B 88 26.75 27.63 -35.48
N MET B 89 25.90 26.61 -35.49
CA MET B 89 26.35 25.23 -35.61
C MET B 89 27.15 24.99 -36.88
N VAL B 90 26.72 25.58 -37.99
CA VAL B 90 27.44 25.38 -39.24
C VAL B 90 28.73 26.20 -39.31
N VAL B 91 28.69 27.41 -38.76
CA VAL B 91 29.86 28.29 -38.78
C VAL B 91 30.97 27.74 -37.88
N PHE B 92 30.63 27.48 -36.62
CA PHE B 92 31.58 26.95 -35.65
C PHE B 92 31.93 25.50 -35.98
N GLY B 93 31.03 24.81 -36.69
CA GLY B 93 31.24 23.42 -37.03
C GLY B 93 31.54 22.51 -35.86
N GLU B 94 32.71 21.89 -35.89
CA GLU B 94 33.17 21.01 -34.82
C GLU B 94 33.39 21.75 -33.50
N ASN B 95 33.68 23.04 -33.60
CA ASN B 95 33.89 23.85 -32.40
C ASN B 95 32.63 24.22 -31.65
N TRP B 96 31.47 23.89 -32.20
CA TRP B 96 30.23 24.19 -31.50
C TRP B 96 29.98 23.14 -30.41
N ASN B 97 30.24 23.50 -29.15
CA ASN B 97 30.05 22.60 -28.03
C ASN B 97 29.55 23.26 -26.71
N PRO B 98 28.57 24.17 -26.79
CA PRO B 98 28.10 24.74 -25.52
C PRO B 98 27.44 23.71 -24.60
N SER B 99 27.58 23.87 -23.28
CA SER B 99 26.93 22.95 -22.36
C SER B 99 25.42 23.15 -22.44
N GLU B 100 24.65 22.13 -22.06
CA GLU B 100 23.19 22.20 -22.08
C GLU B 100 22.63 23.36 -21.27
N THR B 101 23.24 23.63 -20.13
CA THR B 101 22.86 24.76 -19.29
C THR B 101 22.96 26.09 -20.04
N VAL B 102 24.03 26.24 -20.81
CA VAL B 102 24.21 27.45 -21.61
C VAL B 102 23.11 27.57 -22.67
N ARG B 103 22.85 26.49 -23.38
CA ARG B 103 21.80 26.45 -24.42
C ARG B 103 20.44 26.86 -23.85
N LEU B 104 20.11 26.30 -22.70
CA LEU B 104 18.86 26.62 -22.03
C LEU B 104 18.82 28.07 -21.62
N THR B 105 19.92 28.57 -21.05
CA THR B 105 19.91 29.94 -20.56
C THR B 105 19.76 30.91 -21.74
N ALA B 106 20.33 30.54 -22.87
CA ALA B 106 20.19 31.32 -24.09
C ALA B 106 18.74 31.39 -24.51
N ARG B 107 18.05 30.26 -24.41
CA ARG B 107 16.64 30.22 -24.78
C ARG B 107 15.79 31.03 -23.79
N ILE B 108 16.20 31.05 -22.53
CA ILE B 108 15.52 31.87 -21.52
C ILE B 108 15.62 33.34 -21.88
N LEU B 109 16.85 33.80 -22.17
CA LEU B 109 17.04 35.21 -22.55
C LEU B 109 16.20 35.57 -23.78
N ALA B 110 16.14 34.65 -24.74
CA ALA B 110 15.35 34.87 -25.94
C ALA B 110 13.86 35.01 -25.60
N LYS B 111 13.36 34.14 -24.73
CA LYS B 111 11.96 34.22 -24.32
C LYS B 111 11.67 35.54 -23.60
N GLN B 112 12.59 35.96 -22.72
CA GLN B 112 12.43 37.22 -22.01
C GLN B 112 12.38 38.40 -22.97
N LYS B 113 13.10 38.29 -24.08
CA LYS B 113 13.10 39.37 -25.06
C LYS B 113 11.79 39.37 -25.85
N ILE B 114 11.36 38.18 -26.27
CA ILE B 114 10.12 38.06 -27.05
C ILE B 114 8.87 38.29 -26.20
N HIS B 115 8.84 37.69 -25.02
CA HIS B 115 7.66 37.71 -24.16
C HIS B 115 7.98 38.17 -22.74
N PRO B 116 8.23 39.48 -22.55
CA PRO B 116 8.56 39.98 -21.21
C PRO B 116 7.42 39.86 -20.21
N GLU B 117 6.17 39.85 -20.67
CA GLU B 117 5.04 39.73 -19.75
C GLU B 117 4.98 38.32 -19.13
N ARG B 118 4.24 38.22 -18.03
CA ARG B 118 3.98 36.95 -17.37
C ARG B 118 3.36 35.92 -18.32
N THR B 119 3.93 34.70 -18.34
CA THR B 119 3.44 33.62 -19.23
C THR B 119 2.50 32.65 -18.49
N PRO B 120 1.80 31.77 -19.24
CA PRO B 120 0.95 30.76 -18.57
C PRO B 120 1.73 29.73 -17.77
N SER B 121 3.06 29.79 -17.85
CA SER B 121 3.94 28.88 -17.13
C SER B 121 4.26 29.48 -15.77
N GLU B 122 3.87 30.73 -15.59
CA GLU B 122 4.18 31.48 -14.40
C GLU B 122 2.94 31.96 -13.64
N LYS B 123 1.95 31.09 -13.50
CA LYS B 123 0.73 31.46 -12.78
C LYS B 123 0.95 31.70 -11.28
N LEU B 124 1.98 31.08 -10.71
CA LEU B 124 2.25 31.21 -9.29
C LEU B 124 3.65 31.72 -8.99
N LEU B 125 4.60 31.36 -9.84
CA LEU B 125 5.97 31.79 -9.66
C LEU B 125 6.58 32.23 -10.97
N ALA B 126 7.25 33.38 -10.95
CA ALA B 126 7.87 33.91 -12.16
C ALA B 126 9.35 33.55 -12.21
N VAL B 127 9.88 33.42 -13.42
CA VAL B 127 11.29 33.14 -13.64
C VAL B 127 12.15 34.20 -12.94
N LYS B 128 11.72 35.45 -13.05
CA LYS B 128 12.40 36.57 -12.42
C LYS B 128 12.46 36.44 -10.90
N GLU B 129 11.49 35.73 -10.31
CA GLU B 129 11.43 35.56 -8.85
C GLU B 129 12.24 34.37 -8.33
N PHE B 130 12.82 33.56 -9.23
CA PHE B 130 13.55 32.36 -8.83
C PHE B 130 14.61 32.60 -7.76
N GLU B 131 14.72 31.66 -6.82
CA GLU B 131 15.76 31.72 -5.81
C GLU B 131 17.09 31.40 -6.49
N SER B 132 18.12 32.16 -6.16
CA SER B 132 19.41 31.97 -6.83
C SER B 132 20.52 31.41 -5.95
N HIS B 133 20.48 31.72 -4.67
CA HIS B 133 21.55 31.36 -3.74
C HIS B 133 22.89 31.96 -4.12
N LEU B 134 22.83 33.13 -4.78
CA LEU B 134 24.03 33.87 -5.18
C LEU B 134 25.01 34.09 -4.04
N ASP B 135 24.48 34.46 -2.88
CA ASP B 135 25.25 34.75 -1.68
C ASP B 135 25.99 33.54 -1.09
N LYS B 136 25.51 32.35 -1.42
CA LYS B 136 26.06 31.11 -0.87
C LYS B 136 27.15 30.53 -1.77
N LEU B 137 27.26 31.13 -2.96
CA LEU B 137 28.21 30.71 -3.99
C LEU B 137 29.68 30.76 -3.55
N ASP B 138 30.39 29.65 -3.68
CA ASP B 138 31.82 29.63 -3.37
C ASP B 138 32.62 29.90 -4.65
N ASN B 139 33.95 29.89 -4.53
CA ASN B 139 34.82 30.14 -5.69
C ASN B 139 34.69 29.17 -6.85
N GLU B 140 34.54 27.88 -6.56
CA GLU B 140 34.41 26.85 -7.58
C GLU B 140 33.18 27.08 -8.45
N LYS B 141 32.08 27.39 -7.79
CA LYS B 141 30.82 27.62 -8.47
C LYS B 141 30.82 28.94 -9.23
N LYS B 142 31.41 29.99 -8.66
CA LYS B 142 31.52 31.26 -9.37
C LYS B 142 32.38 31.10 -10.63
N ASP B 143 33.42 30.28 -10.52
CA ASP B 143 34.29 29.99 -11.67
C ASP B 143 33.54 29.25 -12.75
N LEU B 144 32.71 28.30 -12.34
CA LEU B 144 31.91 27.53 -13.28
C LEU B 144 30.90 28.42 -14.00
N ILE B 145 30.24 29.27 -13.23
CA ILE B 145 29.29 30.22 -13.79
C ILE B 145 29.97 31.17 -14.77
N GLN B 146 31.17 31.63 -14.43
CA GLN B 146 31.91 32.52 -15.32
C GLN B 146 32.27 31.81 -16.64
N SER B 147 32.68 30.54 -16.56
CA SER B 147 32.92 29.76 -17.78
C SER B 147 31.64 29.68 -18.62
N ASP B 148 30.50 29.44 -17.97
CA ASP B 148 29.22 29.37 -18.67
C ASP B 148 28.87 30.69 -19.36
N ILE B 149 29.08 31.81 -18.67
CA ILE B 149 28.85 33.14 -19.23
C ILE B 149 29.76 33.39 -20.44
N ALA B 150 31.01 32.95 -20.32
CA ALA B 150 31.95 33.12 -21.42
C ALA B 150 31.50 32.30 -22.63
N ALA B 151 30.96 31.11 -22.37
CA ALA B 151 30.45 30.28 -23.46
C ALA B 151 29.20 30.89 -24.09
N LEU B 152 28.40 31.55 -23.26
CA LEU B 152 27.18 32.20 -23.71
C LEU B 152 27.53 33.31 -24.69
N HIS B 153 28.47 34.18 -24.29
CA HIS B 153 28.93 35.26 -25.17
C HIS B 153 29.59 34.68 -26.41
N HIS B 154 30.34 33.60 -26.21
CA HIS B 154 31.07 32.95 -27.28
C HIS B 154 30.18 32.40 -28.40
N PHE B 155 29.07 31.76 -28.06
CA PHE B 155 28.23 31.11 -29.06
C PHE B 155 26.90 31.80 -29.38
N TYR B 156 26.46 32.72 -28.54
CA TYR B 156 25.12 33.28 -28.72
C TYR B 156 25.04 34.80 -28.79
N SER B 157 26.12 35.47 -29.18
CA SER B 157 26.08 36.93 -29.24
C SER B 157 25.34 37.51 -30.44
N LYS B 158 25.04 36.66 -31.41
CA LYS B 158 24.44 37.11 -32.66
C LYS B 158 23.04 37.73 -32.50
N HIS B 159 22.19 37.04 -31.75
CA HIS B 159 20.79 37.45 -31.60
C HIS B 159 20.37 37.93 -30.21
N LEU B 160 21.25 37.75 -29.24
CA LEU B 160 20.94 38.08 -27.86
C LEU B 160 21.46 39.43 -27.36
N GLU B 161 20.65 40.12 -26.56
CA GLU B 161 21.09 41.37 -25.92
C GLU B 161 21.33 41.11 -24.44
N PHE B 162 22.61 40.98 -24.09
CA PHE B 162 23.01 40.60 -22.74
C PHE B 162 22.91 41.69 -21.66
N PRO B 163 22.46 41.30 -20.45
CA PRO B 163 22.50 42.19 -19.29
C PRO B 163 23.95 42.28 -18.78
N ASP B 164 24.19 42.97 -17.67
CA ASP B 164 25.55 43.02 -17.13
C ASP B 164 25.96 41.64 -16.59
N ASN B 165 27.25 41.44 -16.34
CA ASN B 165 27.74 40.16 -15.84
C ASN B 165 27.04 39.71 -14.56
N ASP B 166 26.78 40.64 -13.65
CA ASP B 166 26.10 40.35 -12.39
C ASP B 166 24.73 39.68 -12.59
N SER B 167 23.96 40.20 -13.54
CA SER B 167 22.64 39.65 -13.82
C SER B 167 22.73 38.27 -14.47
N LEU B 168 23.79 38.04 -15.24
CA LEU B 168 23.98 36.74 -15.86
C LEU B 168 24.37 35.72 -14.78
N VAL B 169 25.11 36.17 -13.78
CA VAL B 169 25.49 35.27 -12.70
C VAL B 169 24.22 34.92 -11.91
N VAL B 170 23.37 35.92 -11.68
CA VAL B 170 22.08 35.67 -11.02
C VAL B 170 21.22 34.68 -11.80
N LEU B 171 21.15 34.87 -13.12
CA LEU B 171 20.36 34.01 -14.00
C LEU B 171 20.86 32.57 -13.99
N PHE B 172 22.15 32.39 -14.23
CA PHE B 172 22.74 31.05 -14.21
C PHE B 172 22.55 30.37 -12.86
N ALA B 173 22.63 31.13 -11.77
CA ALA B 173 22.41 30.54 -10.46
C ALA B 173 20.96 30.11 -10.31
N GLN B 174 20.06 30.92 -10.86
CA GLN B 174 18.65 30.61 -10.83
C GLN B 174 18.37 29.34 -11.62
N VAL B 175 19.04 29.21 -12.76
CA VAL B 175 18.89 28.04 -13.62
C VAL B 175 19.40 26.78 -12.96
N ASN B 176 20.56 26.86 -12.32
CA ASN B 176 21.07 25.69 -11.60
C ASN B 176 20.16 25.31 -10.45
N CYS B 177 19.57 26.30 -9.79
CA CYS B 177 18.71 26.04 -8.66
C CYS B 177 17.30 25.52 -9.01
N ASN B 178 16.76 25.96 -10.15
CA ASN B 178 15.37 25.66 -10.52
C ASN B 178 15.13 24.86 -11.83
N GLY B 179 16.19 24.59 -12.57
CA GLY B 179 16.06 23.85 -13.82
C GLY B 179 15.72 22.39 -13.65
N PHE B 180 15.00 21.85 -14.62
CA PHE B 180 14.59 20.45 -14.62
C PHE B 180 15.21 19.73 -15.80
N THR B 181 15.61 18.46 -15.59
CA THR B 181 15.95 17.62 -16.72
C THR B 181 14.67 16.91 -17.12
N ILE B 182 14.48 16.66 -18.41
CA ILE B 182 13.32 15.91 -18.83
C ILE B 182 13.77 14.53 -19.21
N GLU B 183 13.13 13.52 -18.64
CA GLU B 183 13.48 12.13 -18.92
C GLU B 183 12.33 11.41 -19.62
N ASP B 184 12.65 10.34 -20.35
CA ASP B 184 11.61 9.54 -20.98
C ASP B 184 11.11 8.44 -20.04
N GLU B 185 10.41 7.45 -20.59
CA GLU B 185 9.85 6.39 -19.75
C GLU B 185 10.91 5.48 -19.13
N GLU B 186 12.12 5.51 -19.67
CA GLU B 186 13.20 4.72 -19.10
C GLU B 186 14.13 5.57 -18.24
N LEU B 187 13.74 6.83 -18.01
CA LEU B 187 14.53 7.81 -17.24
C LEU B 187 15.81 8.20 -17.97
N SER B 188 15.81 8.03 -19.29
CA SER B 188 16.93 8.43 -20.11
C SER B 188 16.84 9.94 -20.32
N HIS B 189 17.99 10.61 -20.27
CA HIS B 189 18.01 12.06 -20.40
C HIS B 189 17.59 12.50 -21.80
N LEU B 190 16.57 13.36 -21.86
CA LEU B 190 16.03 13.87 -23.12
C LEU B 190 16.44 15.33 -23.37
N GLY B 191 16.48 16.12 -22.31
CA GLY B 191 16.75 17.54 -22.45
C GLY B 191 16.61 18.30 -21.16
N SER B 192 16.58 19.62 -21.25
CA SER B 192 16.50 20.45 -20.04
C SER B 192 15.46 21.53 -20.25
N ALA B 193 14.81 21.95 -19.16
CA ALA B 193 13.70 22.90 -19.29
C ALA B 193 13.46 23.69 -18.01
N ILE B 194 12.72 24.78 -18.16
CA ILE B 194 12.24 25.57 -17.03
C ILE B 194 10.73 25.42 -16.86
N PHE B 195 10.32 25.00 -15.67
CA PHE B 195 8.89 24.89 -15.35
C PHE B 195 8.67 25.69 -14.06
N PRO B 196 8.45 27.00 -14.20
CA PRO B 196 8.41 27.89 -13.04
C PRO B 196 7.41 27.52 -11.95
N ASP B 197 6.18 27.20 -12.32
CA ASP B 197 5.18 26.83 -11.33
C ASP B 197 5.53 25.51 -10.64
N VAL B 198 6.18 24.61 -11.38
CA VAL B 198 6.60 23.32 -10.83
C VAL B 198 7.76 23.52 -9.87
N ALA B 199 8.60 24.49 -10.18
CA ALA B 199 9.75 24.79 -9.35
C ALA B 199 9.35 25.43 -8.02
N LEU B 200 8.09 25.81 -7.89
CA LEU B 200 7.61 26.34 -6.62
C LEU B 200 7.61 25.26 -5.56
N MET B 201 7.42 24.00 -5.94
CA MET B 201 7.35 22.92 -4.97
C MET B 201 8.72 22.68 -4.31
N ASN B 202 8.69 22.58 -2.99
CA ASN B 202 9.87 22.26 -2.19
C ASN B 202 10.22 20.77 -2.22
N HIS B 203 11.40 20.43 -1.72
CA HIS B 203 11.86 19.04 -1.73
C HIS B 203 11.53 18.24 -0.48
N SER B 204 11.30 16.95 -0.67
CA SER B 204 11.21 15.96 0.41
C SER B 204 11.72 14.61 -0.07
N CYS B 205 12.33 13.85 0.83
CA CYS B 205 12.74 12.49 0.50
C CYS B 205 11.61 11.47 0.55
N CYS B 206 10.46 11.88 1.07
CA CYS B 206 9.23 11.09 1.01
C CYS B 206 8.13 11.96 0.41
N PRO B 207 8.28 12.32 -0.88
CA PRO B 207 7.36 13.23 -1.56
C PRO B 207 5.95 12.69 -1.70
N ASN B 208 4.99 13.59 -1.87
CA ASN B 208 3.61 13.19 -2.06
C ASN B 208 3.18 13.41 -3.52
N VAL B 209 4.09 13.94 -4.34
CA VAL B 209 3.83 14.06 -5.77
C VAL B 209 5.03 13.64 -6.62
N ILE B 210 4.75 13.32 -7.87
CA ILE B 210 5.76 13.05 -8.89
C ILE B 210 5.54 13.92 -10.14
N VAL B 211 6.65 14.41 -10.69
CA VAL B 211 6.63 15.17 -11.92
C VAL B 211 6.93 14.23 -13.08
N THR B 212 6.09 14.28 -14.10
CA THR B 212 6.32 13.53 -15.32
C THR B 212 6.18 14.46 -16.51
N TYR B 213 6.52 13.96 -17.69
CA TYR B 213 6.44 14.81 -18.88
C TYR B 213 5.63 14.21 -20.03
N LYS B 214 4.84 15.08 -20.64
CA LYS B 214 4.01 14.79 -21.79
C LYS B 214 4.48 15.73 -22.90
N GLY B 215 5.50 15.29 -23.64
CA GLY B 215 6.16 16.14 -24.60
C GLY B 215 6.96 17.14 -23.79
N THR B 216 6.65 18.42 -23.97
CA THR B 216 7.32 19.47 -23.22
C THR B 216 6.44 19.95 -22.08
N LEU B 217 5.31 19.27 -21.88
CA LEU B 217 4.38 19.64 -20.80
C LEU B 217 4.70 18.91 -19.50
N ALA B 218 4.94 19.65 -18.42
CA ALA B 218 5.13 18.99 -17.14
C ALA B 218 3.79 18.69 -16.47
N GLU B 219 3.70 17.50 -15.87
CA GLU B 219 2.51 17.10 -15.15
C GLU B 219 2.86 16.72 -13.71
N VAL B 220 1.99 17.10 -12.76
CA VAL B 220 2.27 16.82 -11.35
C VAL B 220 1.15 15.97 -10.75
N ARG B 221 1.47 14.75 -10.35
CA ARG B 221 0.45 13.83 -9.81
C ARG B 221 0.76 13.34 -8.39
N ALA B 222 -0.29 13.18 -7.57
CA ALA B 222 -0.14 12.68 -6.21
C ALA B 222 0.31 11.22 -6.14
N VAL B 223 1.27 10.93 -5.25
CA VAL B 223 1.71 9.56 -4.99
C VAL B 223 1.37 9.18 -3.54
N GLN B 224 0.76 10.12 -2.85
CA GLN B 224 0.28 9.94 -1.49
C GLN B 224 -0.96 10.79 -1.40
N GLU B 225 -1.85 10.46 -0.47
CA GLU B 225 -3.04 11.28 -0.29
C GLU B 225 -2.62 12.64 0.24
N ILE B 226 -3.21 13.68 -0.31
CA ILE B 226 -2.91 15.03 0.12
C ILE B 226 -4.20 15.67 0.62
N LYS B 227 -4.14 16.30 1.79
CA LYS B 227 -5.31 16.93 2.38
C LYS B 227 -5.12 18.42 2.38
N PRO B 228 -6.22 19.19 2.40
CA PRO B 228 -6.12 20.65 2.45
C PRO B 228 -5.21 21.16 3.57
N GLY B 229 -4.33 22.10 3.24
CA GLY B 229 -3.41 22.64 4.21
C GLY B 229 -2.02 22.02 4.19
N GLU B 230 -1.91 20.83 3.60
CA GLU B 230 -0.62 20.15 3.50
C GLU B 230 0.24 20.75 2.41
N GLU B 231 1.54 20.83 2.67
CA GLU B 231 2.46 21.32 1.66
C GLU B 231 2.71 20.23 0.62
N VAL B 232 2.87 20.65 -0.62
CA VAL B 232 3.13 19.74 -1.73
C VAL B 232 4.63 19.59 -1.96
N PHE B 233 5.14 18.39 -1.79
CA PHE B 233 6.57 18.12 -1.98
C PHE B 233 6.86 17.13 -3.10
N THR B 234 7.91 17.43 -3.84
CA THR B 234 8.40 16.57 -4.91
C THR B 234 9.84 16.20 -4.54
N SER B 235 10.39 15.17 -5.16
CA SER B 235 11.79 14.84 -4.91
C SER B 235 12.72 15.46 -5.97
N TYR B 236 13.79 16.12 -5.54
CA TYR B 236 14.75 16.73 -6.48
C TYR B 236 15.83 15.75 -6.92
N ILE B 237 15.96 14.64 -6.19
CA ILE B 237 17.09 13.73 -6.39
C ILE B 237 16.73 12.23 -6.39
N ASP B 238 17.74 11.41 -6.70
CA ASP B 238 17.62 9.95 -6.66
C ASP B 238 17.51 9.54 -5.19
N LEU B 239 16.37 8.96 -4.82
CA LEU B 239 16.11 8.58 -3.43
C LEU B 239 16.71 7.23 -2.99
N LEU B 240 17.49 6.58 -3.85
CA LEU B 240 18.10 5.30 -3.48
C LEU B 240 19.09 5.39 -2.32
N TYR B 241 19.87 6.47 -2.29
CA TYR B 241 21.02 6.61 -1.41
C TYR B 241 20.61 6.93 0.03
N PRO B 242 21.49 6.63 1.02
CA PRO B 242 21.17 6.94 2.42
C PRO B 242 21.19 8.43 2.72
N THR B 243 20.67 8.79 3.90
CA THR B 243 20.45 10.17 4.31
C THR B 243 21.64 11.12 4.15
N GLU B 244 22.80 10.70 4.62
CA GLU B 244 23.99 11.55 4.52
C GLU B 244 24.32 11.91 3.06
N ASP B 245 24.31 10.90 2.19
CA ASP B 245 24.57 11.11 0.75
C ASP B 245 23.56 12.07 0.11
N ARG B 246 22.30 11.84 0.44
CA ARG B 246 21.19 12.63 -0.08
C ARG B 246 21.39 14.08 0.30
N ASN B 247 21.73 14.31 1.56
CA ASN B 247 21.93 15.66 2.05
C ASN B 247 23.22 16.28 1.53
N ASP B 248 24.22 15.46 1.22
CA ASP B 248 25.42 16.00 0.59
C ASP B 248 25.08 16.55 -0.79
N ARG B 249 24.26 15.82 -1.53
CA ARG B 249 23.84 16.30 -2.85
C ARG B 249 22.90 17.50 -2.78
N LEU B 250 21.93 17.46 -1.87
CA LEU B 250 21.02 18.58 -1.72
C LEU B 250 21.74 19.86 -1.25
N ARG B 251 22.70 19.70 -0.36
CA ARG B 251 23.48 20.84 0.12
C ARG B 251 24.34 21.39 -1.01
N ASP B 252 25.01 20.51 -1.73
CA ASP B 252 25.86 20.94 -2.83
C ASP B 252 25.13 21.61 -4.00
N SER B 253 24.05 21.01 -4.46
CA SER B 253 23.35 21.53 -5.63
C SER B 253 22.23 22.51 -5.32
N TYR B 254 21.65 22.43 -4.13
CA TYR B 254 20.48 23.25 -3.81
C TYR B 254 20.63 24.02 -2.50
N PHE B 255 21.80 23.94 -1.89
CA PHE B 255 22.12 24.74 -0.70
C PHE B 255 21.18 24.66 0.50
N PHE B 256 20.65 23.48 0.79
CA PHE B 256 19.80 23.34 1.97
C PHE B 256 19.94 21.94 2.55
N THR B 257 19.50 21.76 3.80
CA THR B 257 19.48 20.44 4.42
C THR B 257 18.03 20.03 4.67
N CYS B 258 17.68 18.83 4.21
CA CYS B 258 16.33 18.31 4.39
C CYS B 258 16.09 17.81 5.81
N GLU B 259 14.90 18.08 6.32
CA GLU B 259 14.49 17.60 7.63
C GLU B 259 13.22 16.78 7.56
N CYS B 260 12.96 16.16 6.41
CA CYS B 260 11.78 15.32 6.25
C CYS B 260 11.82 14.12 7.21
N GLN B 261 10.73 13.35 7.23
CA GLN B 261 10.67 12.19 8.11
C GLN B 261 11.79 11.19 7.85
N GLU B 262 12.15 10.97 6.59
CA GLU B 262 13.24 10.05 6.23
C GLU B 262 14.62 10.50 6.71
N CYS B 263 14.90 11.78 6.58
CA CYS B 263 16.18 12.33 7.02
C CYS B 263 16.28 12.37 8.54
N THR B 264 15.14 12.58 9.20
CA THR B 264 15.12 12.64 10.66
C THR B 264 15.20 11.25 11.30
N THR B 265 14.31 10.35 10.89
CA THR B 265 14.23 8.99 11.44
C THR B 265 15.38 8.10 10.93
N LYS B 266 15.77 8.30 9.68
CA LYS B 266 16.80 7.50 9.00
C LYS B 266 16.41 6.02 8.90
N ASP B 267 15.10 5.75 8.85
CA ASP B 267 14.57 4.39 8.86
C ASP B 267 15.19 3.42 7.85
N LYS B 268 15.32 3.88 6.61
CA LYS B 268 15.81 3.01 5.56
C LYS B 268 17.34 2.89 5.44
N ASP B 269 18.08 3.71 6.19
CA ASP B 269 19.54 3.71 6.12
C ASP B 269 20.16 2.36 6.45
N LYS B 270 19.64 1.68 7.45
CA LYS B 270 20.16 0.38 7.85
C LYS B 270 20.11 -0.64 6.71
N ALA B 271 18.92 -0.83 6.14
CA ALA B 271 18.75 -1.74 5.00
C ALA B 271 19.50 -1.30 3.75
N LYS B 272 19.58 0.00 3.53
CA LYS B 272 20.30 0.54 2.37
C LYS B 272 21.79 0.20 2.46
N VAL B 273 22.36 0.28 3.66
CA VAL B 273 23.76 -0.07 3.88
C VAL B 273 23.86 -1.40 4.62
N GLU B 274 23.13 -2.38 4.10
CA GLU B 274 23.10 -3.73 4.66
C GLU B 274 24.46 -4.40 4.75
N ILE B 275 24.78 -4.93 5.92
CA ILE B 275 26.06 -5.58 6.16
C ILE B 275 25.86 -7.10 6.19
N ARG B 276 26.82 -7.83 5.64
CA ARG B 276 26.79 -9.30 5.63
C ARG B 276 26.77 -9.89 7.04
N LYS B 277 25.98 -10.94 7.24
CA LYS B 277 25.89 -11.61 8.53
C LYS B 277 26.99 -12.66 8.67
N LEU B 278 28.22 -12.20 8.90
CA LEU B 278 29.39 -13.06 9.01
C LEU B 278 29.62 -13.59 10.42
N SER B 279 30.22 -14.77 10.51
CA SER B 279 30.55 -15.40 11.79
C SER B 279 31.30 -14.41 12.66
N ASP B 280 32.32 -13.78 12.07
CA ASP B 280 33.04 -12.68 12.69
C ASP B 280 32.49 -11.40 12.09
N PRO B 281 31.60 -10.72 12.83
CA PRO B 281 30.96 -9.51 12.27
C PRO B 281 31.97 -8.42 11.97
N PRO B 282 31.76 -7.69 10.87
CA PRO B 282 32.68 -6.62 10.47
C PRO B 282 32.72 -5.44 11.43
N LYS B 283 33.93 -5.00 11.75
CA LYS B 283 34.13 -3.88 12.67
C LYS B 283 33.56 -2.59 12.08
N ALA B 284 33.14 -1.68 12.96
CA ALA B 284 32.57 -0.39 12.57
C ALA B 284 33.45 0.41 11.60
N GLU B 285 34.74 0.51 11.91
CA GLU B 285 35.69 1.20 11.06
C GLU B 285 35.86 0.57 9.68
N ALA B 286 35.70 -0.76 9.59
CA ALA B 286 35.78 -1.46 8.32
C ALA B 286 34.57 -1.08 7.45
N ILE B 287 33.44 -0.84 8.12
CA ILE B 287 32.23 -0.39 7.43
C ILE B 287 32.46 1.01 6.91
N ARG B 288 32.91 1.93 7.77
CA ARG B 288 33.14 3.32 7.35
C ARG B 288 34.13 3.39 6.20
N ASP B 289 35.13 2.52 6.25
CA ASP B 289 36.13 2.42 5.18
C ASP B 289 35.54 1.94 3.87
N MET B 290 34.68 0.93 3.94
CA MET B 290 34.05 0.43 2.71
C MET B 290 33.07 1.44 2.14
N VAL B 291 32.36 2.16 3.00
CA VAL B 291 31.45 3.23 2.56
C VAL B 291 32.22 4.35 1.85
N ARG B 292 33.37 4.71 2.41
CA ARG B 292 34.23 5.75 1.84
C ARG B 292 34.73 5.28 0.47
N TYR B 293 35.15 4.02 0.42
CA TYR B 293 35.63 3.42 -0.82
C TYR B 293 34.51 3.45 -1.85
N ALA B 294 33.30 3.10 -1.42
CA ALA B 294 32.13 3.09 -2.28
C ALA B 294 31.83 4.45 -2.92
N ARG B 295 31.87 5.51 -2.13
CA ARG B 295 31.66 6.84 -2.70
C ARG B 295 32.79 7.22 -3.66
N ASN B 296 34.02 6.81 -3.31
CA ASN B 296 35.14 7.10 -4.19
C ASN B 296 35.07 6.36 -5.52
N VAL B 297 34.67 5.10 -5.52
CA VAL B 297 34.55 4.37 -6.78
C VAL B 297 33.38 4.94 -7.57
N ILE B 298 32.31 5.34 -6.89
CA ILE B 298 31.19 5.96 -7.60
C ILE B 298 31.68 7.17 -8.41
N GLU B 299 32.50 8.00 -7.77
CA GLU B 299 33.02 9.20 -8.43
C GLU B 299 34.04 8.85 -9.52
N GLU B 300 34.87 7.87 -9.21
CA GLU B 300 35.89 7.40 -10.13
C GLU B 300 35.26 6.87 -11.41
N PHE B 301 34.25 6.01 -11.24
CA PHE B 301 33.53 5.44 -12.36
C PHE B 301 32.85 6.53 -13.18
N ARG B 302 32.23 7.48 -12.47
CA ARG B 302 31.59 8.62 -13.11
C ARG B 302 32.56 9.29 -14.07
N ARG B 303 33.81 9.46 -13.63
CA ARG B 303 34.83 10.04 -14.48
C ARG B 303 35.25 9.08 -15.61
N ALA B 304 35.46 7.82 -15.27
CA ALA B 304 35.91 6.81 -16.21
C ALA B 304 35.02 6.58 -17.43
N LYS B 305 33.70 6.71 -17.29
CA LYS B 305 32.82 6.48 -18.44
C LYS B 305 33.05 7.46 -19.60
N HIS B 306 33.71 8.60 -19.33
CA HIS B 306 34.02 9.56 -20.38
C HIS B 306 35.14 9.15 -21.33
N TYR B 307 36.02 8.22 -20.93
CA TYR B 307 37.14 7.87 -21.80
C TYR B 307 37.57 6.40 -21.79
N LYS B 308 37.12 5.62 -20.80
CA LYS B 308 37.52 4.21 -20.74
C LYS B 308 36.63 3.34 -21.62
N SER B 309 37.15 2.19 -22.03
CA SER B 309 36.39 1.27 -22.89
C SER B 309 35.31 0.55 -22.08
N PRO B 310 34.30 -0.01 -22.77
CA PRO B 310 33.25 -0.74 -22.06
C PRO B 310 33.75 -1.92 -21.21
N SER B 311 34.79 -2.60 -21.69
CA SER B 311 35.37 -3.70 -20.95
C SER B 311 36.11 -3.21 -19.70
N GLU B 312 36.73 -2.05 -19.78
CA GLU B 312 37.41 -1.48 -18.63
C GLU B 312 36.41 -1.10 -17.56
N LEU B 313 35.30 -0.51 -18.01
CA LEU B 313 34.21 -0.11 -17.13
C LEU B 313 33.59 -1.33 -16.44
N LEU B 314 33.39 -2.40 -17.20
CA LEU B 314 32.84 -3.61 -16.60
C LEU B 314 33.83 -4.19 -15.63
N GLU B 315 35.12 -4.04 -15.92
CA GLU B 315 36.15 -4.51 -15.02
C GLU B 315 36.06 -3.74 -13.70
N ILE B 316 35.90 -2.43 -13.78
CA ILE B 316 35.75 -1.61 -12.58
C ILE B 316 34.56 -2.08 -11.76
N CYS B 317 33.43 -2.34 -12.44
CA CYS B 317 32.22 -2.82 -11.76
C CYS B 317 32.40 -4.17 -11.08
N GLU B 318 32.89 -5.17 -11.83
CA GLU B 318 33.12 -6.51 -11.28
C GLU B 318 34.09 -6.48 -10.12
N LEU B 319 35.25 -5.86 -10.32
CA LEU B 319 36.27 -5.80 -9.27
C LEU B 319 35.79 -5.07 -8.01
N SER B 320 35.11 -3.93 -8.19
CA SER B 320 34.58 -3.19 -7.04
C SER B 320 33.48 -3.94 -6.32
N GLN B 321 32.63 -4.63 -7.07
CA GLN B 321 31.57 -5.44 -6.48
C GLN B 321 32.20 -6.55 -5.67
N GLU B 322 33.30 -7.09 -6.20
CA GLU B 322 34.05 -8.13 -5.54
C GLU B 322 34.63 -7.67 -4.21
N LYS B 323 35.27 -6.50 -4.21
CA LYS B 323 35.84 -5.97 -2.97
C LYS B 323 34.75 -5.65 -1.94
N MET B 324 33.69 -5.01 -2.40
CA MET B 324 32.56 -4.64 -1.53
C MET B 324 31.79 -5.82 -0.94
N SER B 325 31.69 -6.91 -1.70
CA SER B 325 30.90 -8.08 -1.30
C SER B 325 31.39 -8.78 -0.03
N SER B 326 32.63 -8.53 0.37
CA SER B 326 33.17 -9.11 1.60
C SER B 326 32.51 -8.51 2.85
N VAL B 327 32.04 -7.27 2.73
CA VAL B 327 31.42 -6.54 3.81
C VAL B 327 29.93 -6.27 3.53
N PHE B 328 29.65 -5.82 2.31
CA PHE B 328 28.29 -5.43 1.92
C PHE B 328 27.48 -6.59 1.36
N GLU B 329 26.19 -6.57 1.66
CA GLU B 329 25.21 -7.52 1.14
C GLU B 329 24.84 -7.15 -0.29
N ASP B 330 24.29 -8.09 -1.05
CA ASP B 330 23.92 -7.82 -2.43
C ASP B 330 22.83 -6.74 -2.53
N SER B 331 21.99 -6.66 -1.50
CA SER B 331 20.92 -5.67 -1.45
C SER B 331 21.43 -4.27 -1.06
N ASN B 332 22.70 -4.16 -0.71
CA ASN B 332 23.30 -2.89 -0.36
C ASN B 332 23.31 -1.96 -1.58
N VAL B 333 22.94 -0.70 -1.36
CA VAL B 333 22.77 0.26 -2.44
C VAL B 333 24.04 0.55 -3.27
N TYR B 334 25.22 0.41 -2.69
CA TYR B 334 26.46 0.63 -3.43
C TYR B 334 26.73 -0.53 -4.39
N MET B 335 26.32 -1.72 -3.96
CA MET B 335 26.43 -2.91 -4.78
C MET B 335 25.46 -2.72 -5.94
N LEU B 336 24.25 -2.29 -5.62
CA LEU B 336 23.22 -2.01 -6.60
C LEU B 336 23.67 -0.94 -7.60
N HIS B 337 24.35 0.09 -7.11
CA HIS B 337 24.87 1.15 -7.99
C HIS B 337 25.80 0.56 -9.03
N MET B 338 26.76 -0.24 -8.56
CA MET B 338 27.70 -0.84 -9.48
C MET B 338 27.00 -1.78 -10.46
N MET B 339 26.04 -2.56 -9.96
CA MET B 339 25.26 -3.45 -10.80
C MET B 339 24.48 -2.71 -11.89
N TYR B 340 23.89 -1.57 -11.52
CA TYR B 340 23.14 -0.75 -12.46
C TYR B 340 24.04 -0.17 -13.54
N GLN B 341 25.22 0.30 -13.13
CA GLN B 341 26.21 0.81 -14.09
C GLN B 341 26.66 -0.29 -15.05
N ALA B 342 26.90 -1.48 -14.50
CA ALA B 342 27.30 -2.64 -15.28
C ALA B 342 26.22 -3.05 -16.26
N MET B 343 24.97 -3.02 -15.81
CA MET B 343 23.83 -3.28 -16.67
C MET B 343 23.80 -2.30 -17.84
N GLY B 344 24.03 -1.01 -17.55
CA GLY B 344 24.10 -0.01 -18.58
C GLY B 344 25.19 -0.28 -19.62
N VAL B 345 26.35 -0.71 -19.13
CA VAL B 345 27.45 -1.06 -20.02
C VAL B 345 27.09 -2.24 -20.92
N CYS B 346 26.52 -3.29 -20.33
CA CYS B 346 26.08 -4.46 -21.08
C CYS B 346 25.11 -4.02 -22.18
N LEU B 347 24.16 -3.17 -21.80
CA LEU B 347 23.17 -2.66 -22.75
C LEU B 347 23.85 -1.96 -23.93
N TYR B 348 24.85 -1.13 -23.65
CA TYR B 348 25.57 -0.46 -24.74
C TYR B 348 26.23 -1.45 -25.70
N MET B 349 26.86 -2.48 -25.15
CA MET B 349 27.55 -3.51 -25.96
C MET B 349 26.59 -4.44 -26.68
N GLN B 350 25.30 -4.23 -26.44
CA GLN B 350 24.24 -5.07 -26.99
C GLN B 350 24.40 -6.52 -26.48
N ASP B 351 24.92 -6.62 -25.27
CA ASP B 351 25.01 -7.90 -24.55
C ASP B 351 23.71 -8.03 -23.73
N TRP B 352 22.62 -8.43 -24.38
CA TRP B 352 21.31 -8.47 -23.72
C TRP B 352 21.19 -9.42 -22.52
N GLU B 353 21.78 -10.60 -22.63
CA GLU B 353 21.74 -11.58 -21.54
C GLU B 353 22.42 -11.08 -20.27
N GLY B 354 23.56 -10.43 -20.39
CA GLY B 354 24.25 -9.90 -19.23
C GLY B 354 23.46 -8.81 -18.54
N ALA B 355 22.88 -7.92 -19.33
CA ALA B 355 22.05 -6.84 -18.81
C ALA B 355 20.83 -7.39 -18.07
N LEU B 356 20.15 -8.39 -18.65
CA LEU B 356 19.02 -9.02 -18.00
C LEU B 356 19.48 -9.63 -16.67
N GLN B 357 20.60 -10.33 -16.75
CA GLN B 357 21.26 -10.98 -15.62
C GLN B 357 21.44 -10.05 -14.41
N TYR B 358 21.94 -8.84 -14.69
CA TYR B 358 22.13 -7.83 -13.65
C TYR B 358 20.80 -7.23 -13.14
N GLY B 359 19.94 -6.85 -14.08
CA GLY B 359 18.66 -6.24 -13.73
C GLY B 359 17.85 -7.10 -12.78
N GLN B 360 17.89 -8.41 -12.98
CA GLN B 360 17.16 -9.32 -12.09
C GLN B 360 17.66 -9.22 -10.65
N LYS B 361 18.97 -9.00 -10.50
CA LYS B 361 19.57 -8.86 -9.18
C LYS B 361 19.24 -7.48 -8.61
N ILE B 362 18.97 -6.53 -9.50
CA ILE B 362 18.73 -5.14 -9.09
C ILE B 362 17.28 -4.83 -8.64
N ILE B 363 16.30 -5.41 -9.34
CA ILE B 363 14.89 -5.00 -9.19
C ILE B 363 14.27 -5.05 -7.77
N LYS B 364 14.42 -6.15 -7.04
CA LYS B 364 13.81 -6.28 -5.71
C LYS B 364 14.34 -5.31 -4.63
N PRO B 365 15.68 -5.20 -4.49
CA PRO B 365 16.18 -4.21 -3.54
C PRO B 365 15.72 -2.80 -3.94
N TYR B 366 15.56 -2.57 -5.23
CA TYR B 366 15.06 -1.29 -5.72
C TYR B 366 13.67 -1.06 -5.16
N SER B 367 12.82 -2.08 -5.29
CA SER B 367 11.44 -2.01 -4.78
C SER B 367 11.39 -1.74 -3.28
N LYS B 368 12.36 -2.28 -2.54
CA LYS B 368 12.39 -2.10 -1.09
C LYS B 368 12.99 -0.76 -0.63
N HIS B 369 13.93 -0.22 -1.40
CA HIS B 369 14.59 1.03 -1.06
C HIS B 369 13.84 2.28 -1.53
N TYR B 370 13.15 2.19 -2.66
CA TYR B 370 12.44 3.35 -3.22
C TYR B 370 11.03 3.47 -2.63
N PRO B 371 10.42 4.67 -2.72
CA PRO B 371 9.06 4.87 -2.22
C PRO B 371 8.04 4.01 -2.97
N LEU B 372 6.83 3.89 -2.42
CA LEU B 372 5.76 3.08 -3.01
C LEU B 372 5.60 3.30 -4.50
N TYR B 373 5.54 4.55 -4.94
CA TYR B 373 5.45 4.76 -6.37
C TYR B 373 6.70 5.50 -6.80
N SER B 374 7.51 4.84 -7.61
CA SER B 374 8.80 5.39 -7.98
C SER B 374 9.05 5.19 -9.46
N LEU B 375 9.45 6.25 -10.13
CA LEU B 375 9.78 6.15 -11.53
C LEU B 375 11.00 5.26 -11.72
N ASN B 376 11.92 5.26 -10.74
CA ASN B 376 13.10 4.41 -10.86
C ASN B 376 12.74 2.92 -10.90
N VAL B 377 11.79 2.53 -10.06
CA VAL B 377 11.32 1.15 -10.04
C VAL B 377 10.58 0.82 -11.31
N ALA B 378 9.64 1.69 -11.71
CA ALA B 378 8.85 1.47 -12.91
C ALA B 378 9.77 1.32 -14.12
N SER B 379 10.77 2.20 -14.17
CA SER B 379 11.75 2.24 -15.24
C SER B 379 12.56 0.95 -15.29
N MET B 380 12.93 0.43 -14.12
CA MET B 380 13.68 -0.82 -14.04
C MET B 380 12.81 -1.98 -14.53
N TRP B 381 11.56 -2.00 -14.08
CA TRP B 381 10.63 -3.04 -14.53
C TRP B 381 10.49 -2.99 -16.04
N LEU B 382 10.38 -1.77 -16.58
CA LEU B 382 10.23 -1.56 -18.01
C LEU B 382 11.43 -2.07 -18.80
N LYS B 383 12.62 -1.71 -18.35
CA LYS B 383 13.86 -2.20 -18.97
C LYS B 383 13.92 -3.73 -18.96
N LEU B 384 13.62 -4.30 -17.81
CA LEU B 384 13.60 -5.75 -17.63
C LEU B 384 12.64 -6.41 -18.60
N GLY B 385 11.42 -5.85 -18.65
CA GLY B 385 10.38 -6.33 -19.55
C GLY B 385 10.78 -6.30 -21.01
N ARG B 386 11.37 -5.19 -21.45
CA ARG B 386 11.80 -5.06 -22.83
C ARG B 386 12.93 -6.01 -23.16
N LEU B 387 13.81 -6.28 -22.19
CA LEU B 387 14.86 -7.25 -22.41
C LEU B 387 14.28 -8.66 -22.54
N TYR B 388 13.39 -9.04 -21.63
CA TYR B 388 12.75 -10.34 -21.70
C TYR B 388 12.04 -10.54 -23.03
N MET B 389 11.28 -9.53 -23.45
CA MET B 389 10.54 -9.56 -24.72
C MET B 389 11.51 -9.69 -25.90
N GLY B 390 12.55 -8.89 -25.88
CA GLY B 390 13.57 -8.91 -26.91
C GLY B 390 14.25 -10.28 -27.02
N LEU B 391 14.36 -10.96 -25.87
CA LEU B 391 14.98 -12.27 -25.80
C LEU B 391 13.99 -13.42 -25.91
N GLU B 392 12.79 -13.15 -26.42
CA GLU B 392 11.76 -14.18 -26.67
C GLU B 392 11.17 -14.82 -25.39
N HIS B 393 11.33 -14.17 -24.26
CA HIS B 393 10.78 -14.63 -22.99
C HIS B 393 9.51 -13.82 -22.80
N LYS B 394 8.52 -14.11 -23.64
CA LYS B 394 7.30 -13.32 -23.73
C LYS B 394 6.42 -13.31 -22.46
N ALA B 395 6.33 -14.43 -21.74
CA ALA B 395 5.55 -14.44 -20.49
C ALA B 395 6.12 -13.61 -19.34
N ALA B 396 7.43 -13.76 -19.09
CA ALA B 396 8.14 -13.00 -18.05
C ALA B 396 8.13 -11.51 -18.37
N GLY B 397 8.29 -11.23 -19.66
CA GLY B 397 8.28 -9.89 -20.20
C GLY B 397 6.93 -9.26 -19.92
N GLU B 398 5.86 -9.99 -20.21
CA GLU B 398 4.52 -9.50 -19.95
C GLU B 398 4.32 -9.19 -18.47
N LYS B 399 4.82 -10.07 -17.58
CA LYS B 399 4.70 -9.78 -16.15
C LYS B 399 5.41 -8.48 -15.73
N ALA B 400 6.65 -8.31 -16.16
CA ALA B 400 7.40 -7.10 -15.79
C ALA B 400 6.79 -5.82 -16.39
N LEU B 401 6.34 -5.91 -17.64
CA LEU B 401 5.71 -4.79 -18.32
C LEU B 401 4.42 -4.37 -17.62
N LYS B 402 3.68 -5.34 -17.12
CA LYS B 402 2.47 -5.03 -16.39
C LYS B 402 2.75 -4.43 -15.01
N LYS B 403 3.87 -4.79 -14.39
CA LYS B 403 4.27 -4.10 -13.16
C LYS B 403 4.61 -2.62 -13.43
N ALA B 404 5.34 -2.40 -14.51
CA ALA B 404 5.69 -1.03 -14.90
C ALA B 404 4.44 -0.22 -15.15
N ILE B 405 3.54 -0.78 -15.98
CA ILE B 405 2.26 -0.14 -16.27
C ILE B 405 1.56 0.22 -14.97
N ALA B 406 1.53 -0.74 -14.04
CA ALA B 406 0.84 -0.54 -12.76
C ALA B 406 1.35 0.68 -12.01
N ILE B 407 2.67 0.92 -12.03
CA ILE B 407 3.19 2.14 -11.39
C ILE B 407 2.92 3.41 -12.22
N MET B 408 3.14 3.28 -13.53
CA MET B 408 3.06 4.41 -14.44
C MET B 408 1.66 4.99 -14.59
N GLU B 409 0.63 4.18 -14.42
CA GLU B 409 -0.75 4.67 -14.48
C GLU B 409 -0.97 5.70 -13.38
N VAL B 410 -0.35 5.46 -12.25
CA VAL B 410 -0.45 6.36 -11.13
C VAL B 410 0.40 7.59 -11.43
N ALA B 411 1.67 7.39 -11.74
CA ALA B 411 2.56 8.54 -11.95
C ALA B 411 2.25 9.33 -13.23
N HIS B 412 2.05 8.65 -14.36
CA HIS B 412 1.83 9.35 -15.63
C HIS B 412 0.36 9.58 -15.99
N GLY B 413 -0.54 8.89 -15.32
CA GLY B 413 -1.95 8.96 -15.64
C GLY B 413 -2.28 7.81 -16.56
N LYS B 414 -3.46 7.22 -16.36
CA LYS B 414 -3.90 6.08 -17.13
C LYS B 414 -3.88 6.26 -18.65
N ASP B 415 -4.12 7.48 -19.12
CA ASP B 415 -4.18 7.75 -20.55
C ASP B 415 -2.88 8.19 -21.23
N HIS B 416 -1.77 8.15 -20.49
CA HIS B 416 -0.47 8.57 -21.03
C HIS B 416 -0.03 7.72 -22.23
N PRO B 417 0.45 8.36 -23.30
CA PRO B 417 1.03 7.70 -24.50
C PRO B 417 2.09 6.62 -24.25
N TYR B 418 2.92 6.77 -23.22
CA TYR B 418 3.92 5.75 -22.91
C TYR B 418 3.25 4.41 -22.59
N ILE B 419 2.13 4.50 -21.89
CA ILE B 419 1.37 3.32 -21.49
C ILE B 419 0.70 2.68 -22.70
N SER B 420 0.21 3.52 -23.62
CA SER B 420 -0.36 3.04 -24.86
C SER B 420 0.71 2.28 -25.65
N GLU B 421 1.93 2.80 -25.65
CA GLU B 421 3.04 2.14 -26.32
C GLU B 421 3.38 0.79 -25.68
N ILE B 422 3.47 0.76 -24.35
CA ILE B 422 3.80 -0.47 -23.65
C ILE B 422 2.73 -1.54 -23.89
N LYS B 423 1.47 -1.13 -23.82
CA LYS B 423 0.35 -2.03 -24.07
C LYS B 423 0.42 -2.56 -25.51
N GLN B 424 0.79 -1.68 -26.44
CA GLN B 424 0.98 -2.08 -27.83
C GLN B 424 2.08 -3.14 -27.93
N GLU B 425 3.13 -3.00 -27.12
CA GLU B 425 4.22 -3.97 -27.07
C GLU B 425 3.74 -5.33 -26.56
N ILE B 426 2.92 -5.32 -25.51
CA ILE B 426 2.35 -6.55 -24.95
C ILE B 426 1.43 -7.27 -25.95
N GLU B 427 0.56 -6.51 -26.60
CA GLU B 427 -0.41 -7.07 -27.54
C GLU B 427 0.23 -7.55 -28.85
N SER B 428 1.21 -6.79 -29.34
CA SER B 428 1.92 -7.17 -30.57
C SER B 428 2.72 -8.46 -30.35
N HIS B 429 3.08 -8.73 -29.10
CA HIS B 429 3.82 -9.94 -28.76
C HIS B 429 3.23 -10.55 -27.49
N LEU C 2 -20.27 -19.61 13.32
CA LEU C 2 -20.76 -18.98 14.54
C LEU C 2 -20.70 -17.46 14.49
N SER C 4 -19.62 -14.11 14.31
CA SER C 4 -18.40 -13.39 14.00
C SER C 4 -18.76 -12.14 13.22
N LYS C 5 -17.84 -11.18 13.18
CA LYS C 5 -18.09 -9.94 12.47
C LYS C 5 -17.65 -10.05 11.01
N ARG C 6 -17.01 -11.15 10.66
CA ARG C 6 -16.51 -11.34 9.31
C ARG C 6 -16.92 -12.69 8.71
N LYS D 1 23.49 17.51 -12.35
CA LYS D 1 23.20 18.66 -13.22
C LYS D 1 21.94 19.41 -12.74
N LEU D 2 20.77 18.93 -13.14
CA LEU D 2 19.51 19.55 -12.72
C LEU D 2 18.56 18.56 -12.06
N SER D 4 16.57 15.80 -11.48
CA SER D 4 16.27 14.54 -12.13
C SER D 4 16.09 13.47 -11.07
N LYS D 5 15.51 12.34 -11.47
CA LYS D 5 15.36 11.19 -10.58
C LYS D 5 16.55 10.25 -10.71
N ARG D 6 17.38 10.49 -11.73
CA ARG D 6 18.58 9.68 -11.93
C ARG D 6 19.84 10.54 -11.76
N GLY D 7 20.74 10.48 -12.74
CA GLY D 7 22.05 11.13 -12.69
C GLY D 7 22.13 12.52 -12.07
#